data_7YJ1
#
_entry.id   7YJ1
#
_cell.length_a   1.00
_cell.length_b   1.00
_cell.length_c   1.00
_cell.angle_alpha   90.00
_cell.angle_beta   90.00
_cell.angle_gamma   90.00
#
_symmetry.space_group_name_H-M   'P 1'
#
loop_
_entity.id
_entity.type
_entity.pdbx_description
1 polymer 'Serine palmitoyltransferase 2'
2 polymer 'Serine palmitoyltransferase 1'
3 polymer 'ORM1-like protein 3'
4 polymer 'Serine palmitoyltransferase small subunit A'
5 polymer 'Serine palmitoyltransferase 1'
#
loop_
_entity_poly.entity_id
_entity_poly.type
_entity_poly.pdbx_seq_one_letter_code
_entity_poly.pdbx_strand_id
1 'polypeptide(L)'
;MRPEPGGCCCRRTVRANGCVANGEVRNGYVRSSAAAAAAAAAGQIHHVTQNGGLYKRPFNEAFEETPMLVAVLTYVGYGV
LTLFGYLRDFLRYWRIEKCHHATEREEQKDFVSLYQDFENFYTRNLYMRIRDNWNRPICSVPGARVDIMERQSHDYNWSF
KYTGNIIKGVINMGSYNYLGFARNTGSCQEAAAKVLEEYGAGVCSTRQEIGNLDKHEELEELVARFLGVEAAMAYGMGFA
TNSMNIPALVGKGCLILSDELNHASLVLGARLSGATIRIFKHNNMQSLEKLLKDAIVYGQPRTRRPWKKILILVEGIYSM
EGSIVRLPEVIALKKKYKAYLYLDEAHSIGALGPTGRGVVEYFGLDPEDVDVMMGTFT(LLP)SFGASGGYIGGKKELID
YLRTHSHSAVYATSLSPPVVEQIITSMKCIMGQDGTSLGKECVQQLAENTRYFRRRLKEMGFIIYGNEDSPVVPLMLYMP
AKIGAFGREMLKRNIGVVVVGFPATPIIESRARFCLSAAHTKEILDTALKEIDEVGDLLQLKYSRHRLVPLLDRPFDETT
YEETED
;
B
2 'polypeptide(L)' MATATEQWVLVEMVQALYEAPAYHLILEGILILWIIRLLFSKTYKLQERS E
3 'polypeptide(L)'
;MVGTAHSEVNPNTRVMNSRGIWLSYVLAIGLLHIVLLSIPFVSVPVVWTLTNLIHNMGMYIFLHTVKGTPFETPDQGKAR
LLTHWEQMDYGVQFTASRKFLTITPIVLYFLTSFYTKYDQIHFVLNTVSLMSVLIPKLPQLHGVRIFGINKY
;
D
4 'polypeptide(L)'
;MADYKDDDDKSGPDEVDASGRMAGMALARAWKQMSWFYYQYLLVTALYMLEPWERTVFNSMLVSIVGMALYTGYVFMPQH
IMAILHYFEIVQ
;
C
5 'polypeptide(L)'
;DLTVKEKEELIEEWQPEPLVPPVPKDHPALNYNIVSGPPSHKTVVNGKECINFASFNFLGLLDNPRVKAAALASLKKYGV
GTCGPRGFYGTFDVHLDLEDRLAKFMKTEEAIIYSYGFATIASAIPAYSKRGDIVFVDRAACFAIQKGLQASRSDIKLFK
HNDMADLERLLKEQEIEDQKNPRKARVTRRFIVVEGLYMNTGTICPLPELVKLKYKYKARIFLEESLSFGVLGEHGRGVT
EHYGINIDDIDLISANMENALASIGGFCCGRSFVIDHQRLSGQGYCFSASLPPLLAAAAIEALNIMEENPGIFAVLKEKC
GQIHKALQGISGLKVVGESLSPAFHLQLEESTGSREQDVRLLQEIVDQCMNRSIALTQARYLEKEEKCLPPPSIRVVVTV
EQTEEELERAASTIKEVAQAVLL
;
A
#
# COMPACT_ATOMS: atom_id res chain seq x y z
N ILE A 45 -11.62 -19.56 -32.43
CA ILE A 45 -12.61 -20.19 -33.30
C ILE A 45 -14.01 -19.74 -32.92
N HIS A 46 -14.27 -19.65 -31.61
CA HIS A 46 -15.62 -19.39 -31.11
C HIS A 46 -16.17 -18.07 -31.63
N HIS A 47 -15.55 -16.95 -31.29
CA HIS A 47 -15.96 -15.66 -31.82
C HIS A 47 -14.75 -14.74 -31.92
N VAL A 48 -14.88 -13.72 -32.77
CA VAL A 48 -13.76 -12.84 -33.11
C VAL A 48 -14.17 -11.40 -32.80
N THR A 49 -13.19 -10.52 -32.63
CA THR A 49 -13.41 -9.11 -32.41
C THR A 49 -12.69 -8.33 -33.51
N GLN A 50 -13.08 -7.07 -33.66
CA GLN A 50 -12.51 -6.20 -34.69
C GLN A 50 -11.00 -6.02 -34.57
N ASN A 51 -10.46 -6.19 -33.37
CA ASN A 51 -9.03 -6.02 -33.17
C ASN A 51 -8.25 -7.16 -33.84
N GLY A 52 -8.70 -8.39 -33.63
CA GLY A 52 -7.97 -9.56 -34.10
C GLY A 52 -7.90 -10.63 -33.03
N GLY A 53 -8.33 -10.28 -31.82
CA GLY A 53 -8.36 -11.23 -30.73
C GLY A 53 -9.24 -12.42 -31.00
N LEU A 54 -8.72 -13.62 -30.75
CA LEU A 54 -9.44 -14.86 -31.01
C LEU A 54 -9.76 -15.54 -29.69
N TYR A 55 -11.05 -15.82 -29.46
CA TYR A 55 -11.44 -16.58 -28.29
C TYR A 55 -11.79 -18.02 -28.68
N LYS A 56 -11.23 -18.98 -27.97
CA LYS A 56 -11.52 -20.38 -28.26
C LYS A 56 -12.73 -20.89 -27.48
N ARG A 57 -13.08 -20.18 -26.41
CA ARG A 57 -14.23 -20.53 -25.57
C ARG A 57 -14.99 -19.28 -25.21
N PRO A 58 -16.28 -19.41 -24.90
CA PRO A 58 -17.07 -18.21 -24.56
C PRO A 58 -16.51 -17.46 -23.36
N PHE A 59 -16.56 -16.13 -23.41
CA PHE A 59 -16.04 -15.27 -22.36
C PHE A 59 -17.15 -14.30 -21.98
N ASN A 60 -17.78 -14.53 -20.84
CA ASN A 60 -18.95 -13.76 -20.43
C ASN A 60 -18.88 -13.40 -18.95
N GLU A 61 -19.39 -12.21 -18.63
CA GLU A 61 -19.38 -11.69 -17.27
C GLU A 61 -20.57 -10.76 -17.09
N ALA A 62 -20.87 -10.43 -15.83
CA ALA A 62 -22.02 -9.61 -15.52
C ALA A 62 -21.66 -8.60 -14.43
N PHE A 63 -22.11 -7.36 -14.62
CA PHE A 63 -21.82 -6.26 -13.70
C PHE A 63 -23.08 -5.45 -13.43
N GLU A 64 -24.15 -6.14 -13.05
CA GLU A 64 -25.47 -5.52 -12.87
C GLU A 64 -25.40 -4.24 -12.05
N GLU A 65 -26.04 -3.20 -12.56
CA GLU A 65 -25.96 -1.88 -11.94
C GLU A 65 -26.90 -1.76 -10.75
N THR A 66 -26.53 -0.90 -9.82
CA THR A 66 -27.29 -0.75 -8.58
C THR A 66 -28.64 -0.12 -8.86
N PRO A 67 -29.72 -0.63 -8.26
CA PRO A 67 -31.04 -0.03 -8.48
C PRO A 67 -31.13 1.36 -7.87
N MET A 68 -32.00 2.20 -8.45
CA MET A 68 -32.06 3.61 -8.08
C MET A 68 -32.46 3.81 -6.62
N LEU A 69 -33.50 3.10 -6.18
CA LEU A 69 -33.97 3.27 -4.81
C LEU A 69 -32.90 2.89 -3.80
N VAL A 70 -32.17 1.80 -4.06
CA VAL A 70 -31.06 1.44 -3.19
C VAL A 70 -29.92 2.45 -3.26
N ALA A 71 -29.64 3.01 -4.43
CA ALA A 71 -28.59 4.01 -4.55
C ALA A 71 -28.91 5.28 -3.77
N VAL A 72 -30.18 5.70 -3.75
CA VAL A 72 -30.54 6.90 -3.00
C VAL A 72 -30.45 6.69 -1.48
N LEU A 73 -30.74 5.49 -0.99
CA LEU A 73 -30.83 5.27 0.45
C LEU A 73 -29.48 5.10 1.14
N THR A 74 -28.39 5.02 0.39
CA THR A 74 -27.07 4.99 1.01
C THR A 74 -26.53 6.38 1.30
N TYR A 75 -26.88 7.35 0.48
CA TYR A 75 -26.48 8.72 0.74
C TYR A 75 -27.10 9.27 2.02
N VAL A 76 -28.30 8.82 2.39
CA VAL A 76 -28.85 9.18 3.68
C VAL A 76 -27.97 8.71 4.83
N GLY A 77 -27.51 7.45 4.79
CA GLY A 77 -26.61 6.96 5.82
C GLY A 77 -25.29 7.69 5.84
N TYR A 78 -24.69 7.93 4.68
CA TYR A 78 -23.44 8.66 4.66
C TYR A 78 -23.59 10.09 5.17
N GLY A 79 -24.68 10.77 4.82
CA GLY A 79 -24.90 12.11 5.33
C GLY A 79 -25.12 12.15 6.82
N VAL A 80 -25.87 11.17 7.35
CA VAL A 80 -26.06 11.09 8.79
C VAL A 80 -24.73 10.87 9.50
N LEU A 81 -23.91 9.96 8.97
CA LEU A 81 -22.61 9.70 9.57
C LEU A 81 -21.73 10.95 9.53
N THR A 82 -21.75 11.69 8.41
CA THR A 82 -20.94 12.90 8.30
C THR A 82 -21.38 13.95 9.31
N LEU A 83 -22.68 14.16 9.43
CA LEU A 83 -23.23 15.13 10.35
C LEU A 83 -22.85 14.81 11.78
N PHE A 84 -22.99 13.55 12.17
CA PHE A 84 -22.65 13.16 13.53
C PHE A 84 -21.15 13.17 13.75
N GLY A 85 -20.35 12.94 12.72
CA GLY A 85 -18.91 13.10 12.87
C GLY A 85 -18.51 14.54 13.15
N TYR A 86 -19.15 15.47 12.44
CA TYR A 86 -18.89 16.89 12.71
C TYR A 86 -19.29 17.27 14.13
N LEU A 87 -20.46 16.80 14.56
CA LEU A 87 -20.94 17.12 15.90
C LEU A 87 -20.08 16.45 16.96
N ARG A 88 -19.26 15.50 16.55
CA ARG A 88 -18.39 14.79 17.49
C ARG A 88 -17.04 15.48 17.62
N ASP A 89 -16.54 15.98 16.50
CA ASP A 89 -15.26 16.67 16.50
C ASP A 89 -15.34 17.91 17.39
N PHE A 90 -16.38 18.69 17.19
CA PHE A 90 -16.60 19.92 17.95
C PHE A 90 -16.84 19.63 19.43
N LEU A 91 -17.51 18.52 19.72
CA LEU A 91 -17.80 18.15 21.09
C LEU A 91 -16.56 17.63 21.81
N ARG A 92 -15.69 16.98 21.04
CA ARG A 92 -14.46 16.41 21.60
C ARG A 92 -13.32 17.42 21.55
N TYR A 93 -13.58 18.57 20.93
CA TYR A 93 -12.58 19.62 20.82
C TYR A 93 -12.20 20.16 22.20
N TRP A 94 -13.17 20.27 23.10
CA TRP A 94 -12.88 20.78 24.43
C TRP A 94 -13.72 20.18 25.55
N ARG A 95 -14.91 19.69 25.23
CA ARG A 95 -15.81 19.14 26.24
C ARG A 95 -15.54 17.70 26.64
N ILE A 96 -15.71 16.77 25.69
CA ILE A 96 -15.52 15.36 26.00
C ILE A 96 -14.08 15.12 26.42
N GLU A 97 -13.92 14.38 27.53
CA GLU A 97 -12.59 14.15 28.09
C GLU A 97 -11.71 13.38 27.11
N LYS A 98 -12.24 12.28 26.56
CA LYS A 98 -11.54 11.49 25.54
C LYS A 98 -10.13 11.11 26.00
N CYS A 99 -10.04 10.71 27.27
CA CYS A 99 -8.76 10.31 27.83
C CYS A 99 -8.36 8.92 27.34
N HIS A 100 -8.17 8.81 26.03
CA HIS A 100 -7.78 7.54 25.42
C HIS A 100 -6.70 7.74 24.37
N HIS A 101 -7.06 8.43 23.29
CA HIS A 101 -6.12 8.69 22.19
C HIS A 101 -4.87 9.36 22.73
N ALA A 102 -3.72 8.87 22.32
CA ALA A 102 -2.45 9.41 22.76
C ALA A 102 -2.19 10.77 22.10
N THR A 103 -1.46 11.63 22.79
CA THR A 103 -1.14 12.95 22.27
C THR A 103 0.37 13.17 22.23
N GLU A 104 0.78 14.32 21.75
CA GLU A 104 2.20 14.64 21.64
C GLU A 104 2.78 14.89 23.03
N ARG A 105 4.10 14.74 23.12
CA ARG A 105 4.80 14.94 24.38
C ARG A 105 4.58 16.35 24.90
N GLU A 106 4.77 16.52 26.21
CA GLU A 106 4.61 17.84 26.82
C GLU A 106 5.69 18.80 26.36
N GLU A 107 6.87 18.27 26.02
CA GLU A 107 7.98 19.11 25.60
C GLU A 107 7.97 19.41 24.11
N GLN A 108 7.04 18.84 23.36
CA GLN A 108 7.02 19.03 21.92
C GLN A 108 5.73 19.70 21.44
N LYS A 109 5.13 20.52 22.29
CA LYS A 109 3.93 21.23 21.92
C LYS A 109 4.27 22.42 21.00
N ASP A 110 5.47 22.96 21.14
CA ASP A 110 5.87 24.09 20.31
C ASP A 110 6.07 23.69 18.86
N PHE A 111 6.27 22.41 18.59
CA PHE A 111 6.55 21.98 17.23
C PHE A 111 5.30 22.13 16.37
N VAL A 112 5.50 22.14 15.05
CA VAL A 112 4.36 22.05 14.14
C VAL A 112 3.66 20.72 14.34
N SER A 113 2.34 20.73 14.23
CA SER A 113 1.55 19.52 14.46
C SER A 113 1.96 18.42 13.50
N LEU A 114 2.12 17.22 14.04
CA LEU A 114 2.52 16.06 13.24
C LEU A 114 1.51 15.69 12.17
N TYR A 115 0.27 15.46 12.57
CA TYR A 115 -0.78 15.09 11.63
C TYR A 115 -1.77 16.23 11.36
N GLN A 116 -2.68 15.99 10.43
CA GLN A 116 -3.71 16.94 10.08
C GLN A 116 -5.03 16.39 10.60
N ASP A 117 -5.72 17.15 11.44
CA ASP A 117 -6.98 16.70 12.02
C ASP A 117 -8.00 16.23 10.99
N PHE A 118 -8.16 16.98 9.90
CA PHE A 118 -9.12 16.64 8.88
C PHE A 118 -8.67 15.53 7.94
N GLU A 119 -7.39 15.19 7.98
CA GLU A 119 -6.86 14.14 7.11
C GLU A 119 -7.52 12.80 7.39
N ASN A 120 -7.52 12.39 8.64
CA ASN A 120 -8.12 11.12 9.02
C ASN A 120 -9.52 11.32 9.61
N PHE A 121 -10.37 12.00 8.85
CA PHE A 121 -11.73 12.25 9.30
C PHE A 121 -12.53 10.95 9.33
N TYR A 122 -12.48 10.21 8.23
CA TYR A 122 -13.22 8.95 8.12
C TYR A 122 -12.66 7.82 8.98
N THR A 123 -11.40 7.92 9.38
CA THR A 123 -10.79 6.88 10.19
C THR A 123 -11.28 6.87 11.64
N ARG A 124 -11.81 7.98 12.11
CA ARG A 124 -12.28 8.05 13.49
C ARG A 124 -13.75 8.44 13.62
N ASN A 125 -14.48 8.42 12.52
CA ASN A 125 -15.90 8.77 12.55
C ASN A 125 -16.73 7.76 11.79
N LEU A 126 -16.07 6.95 10.98
CA LEU A 126 -16.75 5.94 10.18
C LEU A 126 -16.11 4.57 10.36
N TYR A 127 -14.91 4.42 9.82
CA TYR A 127 -14.18 3.16 9.90
C TYR A 127 -14.07 2.65 11.33
N MET A 128 -13.68 3.53 12.24
CA MET A 128 -13.50 3.14 13.64
C MET A 128 -14.73 2.52 14.28
N ARG A 129 -15.90 3.07 13.98
CA ARG A 129 -17.14 2.55 14.53
C ARG A 129 -17.34 1.08 14.23
N ILE A 130 -16.98 0.63 13.03
CA ILE A 130 -17.18 -0.78 12.71
C ILE A 130 -15.89 -1.53 12.43
N ARG A 131 -14.81 -1.18 13.14
CA ARG A 131 -13.52 -1.83 12.93
C ARG A 131 -13.26 -2.97 13.90
N ASP A 132 -14.32 -3.64 14.34
CA ASP A 132 -14.19 -4.75 15.27
C ASP A 132 -14.10 -6.07 14.53
N ASN A 133 -14.16 -6.01 13.20
CA ASN A 133 -14.09 -7.20 12.38
C ASN A 133 -13.11 -7.02 11.23
N TRP A 134 -11.84 -6.80 11.57
CA TRP A 134 -10.82 -6.61 10.56
C TRP A 134 -9.48 -7.26 10.93
N ASN A 135 -9.00 -7.00 12.15
CA ASN A 135 -7.72 -7.57 12.56
C ASN A 135 -7.91 -8.81 13.41
N ARG A 136 -8.90 -9.63 13.07
CA ARG A 136 -9.17 -10.85 13.81
C ARG A 136 -7.93 -11.73 13.83
N PRO A 137 -7.41 -12.03 15.02
CA PRO A 137 -6.22 -12.86 15.15
C PRO A 137 -6.60 -14.34 15.21
N ILE A 138 -5.85 -15.19 14.53
CA ILE A 138 -6.12 -16.61 14.52
C ILE A 138 -5.05 -17.35 15.31
N CYS A 139 -5.30 -18.61 15.64
CA CYS A 139 -4.36 -19.40 16.41
C CYS A 139 -4.32 -20.84 15.91
N SER A 140 -4.32 -21.03 14.60
CA SER A 140 -4.23 -22.35 14.00
C SER A 140 -3.79 -22.20 12.55
N VAL A 141 -3.59 -23.33 11.88
CA VAL A 141 -3.21 -23.31 10.47
C VAL A 141 -4.42 -22.89 9.66
N PRO A 142 -4.32 -21.85 8.85
CA PRO A 142 -5.50 -21.37 8.12
C PRO A 142 -5.84 -22.16 6.88
N GLY A 143 -6.84 -23.04 6.97
CA GLY A 143 -7.50 -23.51 5.76
C GLY A 143 -8.74 -24.33 6.04
N ALA A 144 -9.87 -23.88 5.50
CA ALA A 144 -11.15 -24.57 5.51
C ALA A 144 -11.75 -24.68 6.91
N ARG A 145 -10.93 -24.43 7.94
CA ARG A 145 -11.33 -24.53 9.34
C ARG A 145 -10.30 -23.77 10.17
N VAL A 146 -10.69 -22.65 10.75
CA VAL A 146 -9.75 -21.81 11.48
C VAL A 146 -10.26 -21.60 12.90
N ASP A 147 -9.33 -21.34 13.80
CA ASP A 147 -9.64 -21.01 15.18
C ASP A 147 -9.35 -19.53 15.41
N ILE A 148 -10.28 -18.82 16.02
CA ILE A 148 -10.18 -17.39 16.21
C ILE A 148 -10.17 -17.07 17.70
N MET A 149 -9.35 -16.09 18.08
CA MET A 149 -9.23 -15.64 19.46
C MET A 149 -10.35 -14.65 19.75
N GLU A 150 -11.30 -15.05 20.59
CA GLU A 150 -12.42 -14.19 20.92
C GLU A 150 -11.94 -12.93 21.63
N ARG A 151 -12.58 -11.81 21.33
CA ARG A 151 -12.24 -10.53 21.92
C ARG A 151 -13.49 -9.68 21.99
N GLN A 152 -13.58 -8.81 22.99
CA GLN A 152 -14.70 -7.90 23.12
C GLN A 152 -14.21 -6.54 23.59
N SER A 153 -14.95 -5.51 23.20
CA SER A 153 -14.62 -4.13 23.50
C SER A 153 -15.67 -3.51 24.41
N HIS A 154 -15.23 -2.57 25.24
CA HIS A 154 -16.12 -1.86 26.15
C HIS A 154 -16.31 -0.39 25.80
N ASP A 155 -15.32 0.24 25.17
CA ASP A 155 -15.40 1.65 24.80
C ASP A 155 -15.62 1.85 23.31
N TYR A 156 -16.42 0.99 22.69
CA TYR A 156 -16.84 1.12 21.29
C TYR A 156 -15.64 1.10 20.35
N ASN A 157 -14.95 -0.04 20.36
CA ASN A 157 -13.86 -0.32 19.44
C ASN A 157 -12.76 0.74 19.50
N TRP A 158 -12.45 1.16 20.71
CA TRP A 158 -11.29 2.02 20.94
C TRP A 158 -10.13 1.28 21.60
N SER A 159 -10.40 0.23 22.36
CA SER A 159 -9.34 -0.58 22.96
C SER A 159 -9.92 -1.97 23.23
N PHE A 160 -9.54 -2.94 22.40
CA PHE A 160 -10.03 -4.29 22.56
C PHE A 160 -9.38 -4.97 23.75
N LYS A 161 -9.92 -6.13 24.13
CA LYS A 161 -9.46 -6.84 25.31
C LYS A 161 -9.79 -8.32 25.14
N TYR A 162 -8.76 -9.15 25.03
CA TYR A 162 -8.96 -10.57 24.79
C TYR A 162 -9.48 -11.26 26.05
N THR A 163 -10.46 -12.14 25.86
CA THR A 163 -11.03 -12.88 26.98
C THR A 163 -10.21 -14.13 27.31
N GLY A 164 -9.99 -14.98 26.31
CA GLY A 164 -9.25 -16.20 26.51
C GLY A 164 -9.89 -17.41 25.84
N ASN A 165 -11.15 -17.26 25.46
CA ASN A 165 -11.86 -18.35 24.80
C ASN A 165 -11.61 -18.34 23.30
N ILE A 166 -11.67 -19.52 22.71
CA ILE A 166 -11.33 -19.73 21.30
C ILE A 166 -12.56 -20.29 20.60
N ILE A 167 -12.93 -19.67 19.48
CA ILE A 167 -14.04 -20.13 18.66
C ILE A 167 -13.54 -21.18 17.68
N LYS A 168 -13.62 -22.46 18.07
CA LYS A 168 -13.05 -23.54 17.27
C LYS A 168 -13.97 -23.89 16.12
N GLY A 169 -13.37 -24.31 15.00
CA GLY A 169 -14.12 -24.78 13.86
C GLY A 169 -14.94 -23.71 13.17
N VAL A 170 -14.28 -22.75 12.54
CA VAL A 170 -14.93 -21.67 11.82
C VAL A 170 -14.66 -21.88 10.34
N ILE A 171 -15.71 -21.89 9.54
CA ILE A 171 -15.55 -22.05 8.09
C ILE A 171 -14.81 -20.83 7.55
N ASN A 172 -13.65 -21.06 6.94
CA ASN A 172 -12.80 -19.96 6.50
C ASN A 172 -13.07 -19.64 5.03
N MET A 173 -13.46 -18.41 4.76
CA MET A 173 -13.65 -17.95 3.39
C MET A 173 -12.99 -16.61 3.16
N GLY A 174 -11.90 -16.34 3.87
CA GLY A 174 -11.26 -15.04 3.80
C GLY A 174 -9.79 -15.04 3.49
N SER A 175 -9.18 -16.21 3.40
CA SER A 175 -7.75 -16.35 3.13
C SER A 175 -7.53 -17.01 1.78
N TYR A 176 -6.52 -16.53 1.06
CA TYR A 176 -6.18 -17.09 -0.24
C TYR A 176 -5.54 -18.46 -0.07
N ASN A 177 -6.30 -19.52 -0.32
CA ASN A 177 -5.83 -20.87 -0.12
C ASN A 177 -6.32 -21.75 -1.27
N TYR A 178 -6.18 -21.27 -2.50
CA TYR A 178 -6.50 -22.10 -3.65
C TYR A 178 -5.62 -23.35 -3.63
N LEU A 179 -6.18 -24.45 -4.13
CA LEU A 179 -5.50 -25.74 -4.22
C LEU A 179 -5.22 -26.35 -2.84
N GLY A 180 -5.53 -25.63 -1.77
CA GLY A 180 -5.44 -26.14 -0.42
C GLY A 180 -4.07 -26.64 0.02
N PHE A 181 -3.02 -25.86 -0.24
CA PHE A 181 -1.67 -26.26 0.16
C PHE A 181 -1.27 -25.74 1.53
N ALA A 182 -2.12 -24.95 2.18
CA ALA A 182 -1.83 -24.40 3.50
C ALA A 182 -2.27 -25.43 4.55
N ARG A 183 -1.32 -26.23 4.99
CA ARG A 183 -1.58 -27.24 5.99
C ARG A 183 -0.38 -27.43 6.88
N ASN A 184 -0.53 -28.28 7.89
CA ASN A 184 0.55 -28.57 8.83
C ASN A 184 0.94 -30.03 8.85
N THR A 185 0.43 -30.83 7.91
CA THR A 185 0.78 -32.23 7.81
C THR A 185 0.62 -32.69 6.37
N GLY A 186 1.66 -33.29 5.85
CA GLY A 186 1.68 -33.75 4.48
C GLY A 186 3.10 -34.02 4.04
N SER A 187 3.28 -34.17 2.73
CA SER A 187 4.61 -34.44 2.18
C SER A 187 5.48 -33.20 2.12
N CYS A 188 4.87 -32.03 2.06
CA CYS A 188 5.61 -30.77 1.98
C CYS A 188 6.08 -30.29 3.35
N GLN A 189 5.56 -30.89 4.40
CA GLN A 189 5.93 -30.50 5.76
C GLN A 189 7.18 -31.24 6.20
N GLU A 190 7.54 -32.28 5.45
CA GLU A 190 8.73 -33.06 5.76
C GLU A 190 9.93 -32.48 5.03
N ALA A 191 9.69 -31.99 3.83
CA ALA A 191 10.74 -31.40 3.02
C ALA A 191 11.17 -30.05 3.57
N ALA A 192 10.25 -29.35 4.20
CA ALA A 192 10.54 -28.04 4.77
C ALA A 192 11.14 -28.18 6.17
N ALA A 193 10.96 -29.34 6.78
CA ALA A 193 11.48 -29.59 8.11
C ALA A 193 12.89 -30.15 8.05
N LYS A 194 13.19 -30.85 6.96
CA LYS A 194 14.50 -31.44 6.77
C LYS A 194 15.49 -30.39 6.27
N VAL A 195 14.98 -29.41 5.53
CA VAL A 195 15.81 -28.34 4.99
C VAL A 195 15.99 -27.24 6.03
N LEU A 196 15.17 -27.25 7.06
CA LEU A 196 15.27 -26.24 8.11
C LEU A 196 16.21 -26.65 9.22
N GLU A 197 16.66 -27.91 9.15
CA GLU A 197 17.55 -28.43 10.17
C GLU A 197 19.01 -28.36 9.74
N GLU A 198 19.24 -28.49 8.44
CA GLU A 198 20.60 -28.46 7.90
C GLU A 198 20.91 -27.16 7.17
N TYR A 199 20.26 -26.08 7.59
CA TYR A 199 20.48 -24.77 6.97
C TYR A 199 20.33 -23.67 8.00
N GLY A 200 19.08 -23.35 8.33
CA GLY A 200 18.81 -22.31 9.31
C GLY A 200 17.51 -21.58 9.02
N ALA A 201 17.28 -20.49 9.73
CA ALA A 201 16.08 -19.70 9.56
C ALA A 201 16.18 -18.75 8.39
N GLY A 202 17.37 -18.22 8.14
CA GLY A 202 17.56 -17.30 7.05
C GLY A 202 19.03 -17.16 6.68
N VAL A 203 19.25 -16.52 5.53
CA VAL A 203 20.60 -16.14 5.11
C VAL A 203 20.89 -14.77 5.69
N CYS A 204 22.17 -14.39 5.73
CA CYS A 204 22.56 -13.11 6.31
C CYS A 204 23.38 -12.29 5.32
N SER A 205 22.97 -12.27 4.07
CA SER A 205 23.70 -11.54 3.04
C SER A 205 22.82 -11.40 1.81
N THR A 206 23.43 -10.96 0.72
CA THR A 206 22.75 -10.55 -0.50
C THR A 206 23.18 -11.46 -1.65
N ARG A 207 22.37 -11.50 -2.71
CA ARG A 207 22.66 -12.37 -3.85
C ARG A 207 24.02 -12.06 -4.47
N GLN A 208 24.29 -10.78 -4.71
CA GLN A 208 25.56 -10.41 -5.34
C GLN A 208 26.74 -10.65 -4.40
N GLU A 209 26.50 -10.60 -3.09
CA GLU A 209 27.48 -10.96 -2.08
C GLU A 209 27.40 -12.46 -1.81
N ILE A 210 27.86 -12.90 -0.65
CA ILE A 210 28.07 -14.32 -0.36
C ILE A 210 26.75 -15.00 -0.01
N GLY A 211 25.63 -14.31 -0.22
CA GLY A 211 24.34 -14.86 0.15
C GLY A 211 23.54 -15.46 -0.99
N ASN A 212 24.20 -16.21 -1.88
CA ASN A 212 23.53 -16.92 -2.97
C ASN A 212 23.81 -18.42 -2.79
N LEU A 213 22.79 -19.15 -2.34
CA LEU A 213 22.93 -20.58 -2.11
C LEU A 213 22.57 -21.37 -3.36
N ASP A 214 22.75 -22.68 -3.29
CA ASP A 214 22.36 -23.53 -4.41
C ASP A 214 20.86 -23.80 -4.42
N LYS A 215 20.18 -23.58 -3.30
CA LYS A 215 18.73 -23.73 -3.27
C LYS A 215 18.06 -22.75 -4.23
N HIS A 216 18.54 -21.50 -4.24
CA HIS A 216 18.01 -20.52 -5.17
C HIS A 216 18.25 -20.91 -6.61
N GLU A 217 19.43 -21.43 -6.91
CA GLU A 217 19.72 -21.88 -8.28
C GLU A 217 18.83 -23.05 -8.68
N GLU A 218 18.52 -23.95 -7.75
CA GLU A 218 17.59 -25.03 -8.03
C GLU A 218 16.15 -24.56 -8.25
N LEU A 219 15.67 -23.61 -7.45
CA LEU A 219 14.33 -23.05 -7.61
C LEU A 219 14.15 -22.27 -8.90
N GLU A 220 15.13 -21.44 -9.26
CA GLU A 220 14.99 -20.56 -10.42
C GLU A 220 14.98 -21.31 -11.73
N GLU A 221 15.51 -22.53 -11.73
CA GLU A 221 15.54 -23.35 -12.94
C GLU A 221 14.22 -24.12 -13.08
N LEU A 222 13.61 -24.46 -11.95
CA LEU A 222 12.34 -25.18 -11.95
C LEU A 222 11.17 -24.27 -12.27
N VAL A 223 11.21 -23.02 -11.82
CA VAL A 223 10.14 -22.09 -12.16
C VAL A 223 10.05 -21.90 -13.68
N ALA A 224 11.20 -21.83 -14.35
CA ALA A 224 11.22 -21.65 -15.80
C ALA A 224 10.55 -22.83 -16.51
N ARG A 225 10.84 -24.04 -16.05
CA ARG A 225 10.18 -25.22 -16.61
C ARG A 225 8.69 -25.19 -16.35
N PHE A 226 8.29 -24.70 -15.17
CA PHE A 226 6.87 -24.61 -14.84
C PHE A 226 6.14 -23.67 -15.80
N LEU A 227 6.65 -22.46 -15.96
CA LEU A 227 5.93 -21.46 -16.75
C LEU A 227 6.03 -21.74 -18.24
N GLY A 228 7.17 -22.24 -18.70
CA GLY A 228 7.41 -22.44 -20.12
C GLY A 228 8.23 -21.35 -20.77
N VAL A 229 9.13 -20.71 -20.03
CA VAL A 229 9.93 -19.60 -20.53
C VAL A 229 11.40 -19.99 -20.49
N GLU A 230 12.27 -19.07 -20.88
CA GLU A 230 13.70 -19.37 -20.94
C GLU A 230 14.39 -19.29 -19.58
N ALA A 231 14.09 -18.26 -18.79
CA ALA A 231 14.76 -18.09 -17.51
C ALA A 231 13.83 -17.38 -16.54
N ALA A 232 14.20 -17.39 -15.26
CA ALA A 232 13.39 -16.77 -14.22
C ALA A 232 14.27 -16.41 -13.03
N MET A 233 13.75 -15.53 -12.18
CA MET A 233 14.48 -15.07 -11.00
C MET A 233 13.50 -14.89 -9.85
N ALA A 234 13.91 -15.31 -8.65
CA ALA A 234 13.07 -15.30 -7.46
C ALA A 234 13.58 -14.27 -6.46
N TYR A 235 12.65 -13.59 -5.79
CA TYR A 235 13.00 -12.40 -5.02
C TYR A 235 12.76 -12.53 -3.52
N GLY A 236 11.55 -12.85 -3.08
CA GLY A 236 11.36 -12.99 -1.65
C GLY A 236 10.34 -12.06 -1.02
N MET A 237 9.73 -11.21 -1.84
CA MET A 237 8.56 -10.45 -1.42
C MET A 237 7.76 -10.12 -2.66
N GLY A 238 6.47 -10.42 -2.64
CA GLY A 238 5.63 -10.12 -3.79
C GLY A 238 5.49 -8.63 -4.02
N PHE A 239 5.32 -7.86 -2.95
CA PHE A 239 5.22 -6.42 -3.05
C PHE A 239 6.52 -5.78 -3.53
N ALA A 240 7.66 -6.36 -3.18
CA ALA A 240 8.95 -5.81 -3.56
C ALA A 240 9.44 -6.32 -4.91
N THR A 241 8.66 -7.16 -5.59
CA THR A 241 8.95 -7.53 -6.96
C THR A 241 8.52 -6.46 -7.95
N ASN A 242 7.38 -5.80 -7.71
CA ASN A 242 6.90 -4.74 -8.58
C ASN A 242 7.56 -3.40 -8.31
N SER A 243 7.78 -3.05 -7.04
CA SER A 243 8.26 -1.73 -6.66
C SER A 243 9.77 -1.64 -6.70
N MET A 244 10.45 -2.72 -7.07
CA MET A 244 11.91 -2.72 -7.09
C MET A 244 12.47 -3.30 -8.37
N ASN A 245 11.63 -3.59 -9.37
CA ASN A 245 12.09 -4.03 -10.67
C ASN A 245 11.51 -3.23 -11.83
N ILE A 246 10.34 -2.64 -11.68
CA ILE A 246 9.77 -1.78 -12.70
C ILE A 246 10.68 -0.58 -12.95
N PRO A 247 11.20 0.11 -11.93
CA PRO A 247 12.12 1.22 -12.20
C PRO A 247 13.40 0.84 -12.91
N ALA A 248 13.78 -0.44 -12.90
CA ALA A 248 14.98 -0.88 -13.60
C ALA A 248 14.77 -1.07 -15.09
N LEU A 249 13.52 -1.01 -15.57
CA LEU A 249 13.23 -1.21 -16.98
C LEU A 249 12.97 0.11 -17.70
N VAL A 250 12.05 0.92 -17.18
CA VAL A 250 11.74 2.20 -17.80
C VAL A 250 12.30 3.35 -16.97
N GLY A 251 12.29 4.55 -17.54
CA GLY A 251 12.83 5.71 -16.87
C GLY A 251 12.29 6.98 -17.49
N LYS A 252 13.07 8.04 -17.38
CA LYS A 252 12.65 9.34 -17.90
C LYS A 252 12.61 9.32 -19.42
N GLY A 253 11.43 9.54 -19.98
CA GLY A 253 11.27 9.55 -21.42
C GLY A 253 10.53 8.34 -21.94
N CYS A 254 9.82 7.65 -21.07
CA CYS A 254 9.06 6.47 -21.43
C CYS A 254 7.63 6.61 -20.91
N LEU A 255 6.72 5.87 -21.53
CA LEU A 255 5.30 5.94 -21.19
C LEU A 255 4.85 4.67 -20.47
N ILE A 256 3.93 4.83 -19.54
CA ILE A 256 3.32 3.71 -18.85
C ILE A 256 1.81 3.78 -19.02
N LEU A 257 1.22 2.71 -19.54
CA LEU A 257 -0.24 2.63 -19.70
C LEU A 257 -0.76 1.72 -18.61
N SER A 258 -1.06 2.30 -17.46
CA SER A 258 -1.50 1.53 -16.31
C SER A 258 -3.02 1.37 -16.33
N ASP A 259 -3.51 0.33 -15.66
CA ASP A 259 -4.93 0.04 -15.59
C ASP A 259 -5.56 0.80 -14.44
N GLU A 260 -6.89 0.91 -14.47
CA GLU A 260 -7.61 1.67 -13.48
C GLU A 260 -7.51 1.05 -12.09
N LEU A 261 -7.56 -0.27 -12.01
CA LEU A 261 -7.69 -0.95 -10.72
C LEU A 261 -6.44 -1.74 -10.34
N ASN A 262 -5.27 -1.22 -10.64
CA ASN A 262 -4.04 -1.96 -10.40
C ASN A 262 -3.70 -1.97 -8.91
N HIS A 263 -2.88 -2.95 -8.53
CA HIS A 263 -2.46 -3.09 -7.14
C HIS A 263 -1.57 -1.93 -6.74
N ALA A 264 -1.37 -1.78 -5.42
CA ALA A 264 -0.58 -0.67 -4.91
C ALA A 264 0.88 -0.77 -5.32
N SER A 265 1.40 -2.00 -5.38
CA SER A 265 2.81 -2.19 -5.70
C SER A 265 3.11 -1.76 -7.13
N LEU A 266 2.18 -2.04 -8.06
CA LEU A 266 2.36 -1.60 -9.43
C LEU A 266 2.42 -0.08 -9.53
N VAL A 267 1.52 0.61 -8.83
CA VAL A 267 1.50 2.07 -8.86
C VAL A 267 2.77 2.62 -8.22
N LEU A 268 3.20 2.05 -7.10
CA LEU A 268 4.40 2.55 -6.45
C LEU A 268 5.64 2.33 -7.31
N GLY A 269 5.76 1.17 -7.96
CA GLY A 269 6.87 0.96 -8.87
C GLY A 269 6.86 1.90 -10.04
N ALA A 270 5.68 2.16 -10.62
CA ALA A 270 5.57 3.14 -11.69
C ALA A 270 5.99 4.53 -11.23
N ARG A 271 5.60 4.93 -10.02
CA ARG A 271 5.95 6.27 -9.54
C ARG A 271 7.44 6.39 -9.26
N LEU A 272 8.10 5.30 -8.86
CA LEU A 272 9.53 5.34 -8.64
C LEU A 272 10.32 5.26 -9.93
N SER A 273 9.73 4.71 -11.00
CA SER A 273 10.43 4.60 -12.27
C SER A 273 10.90 5.96 -12.77
N GLY A 274 10.00 6.92 -12.83
CA GLY A 274 10.34 8.25 -13.29
C GLY A 274 9.82 8.54 -14.69
N ALA A 275 8.66 7.98 -15.00
CA ALA A 275 8.08 8.06 -16.33
C ALA A 275 6.69 8.66 -16.26
N THR A 276 6.13 8.95 -17.42
CA THR A 276 4.77 9.47 -17.50
C THR A 276 3.76 8.33 -17.39
N ILE A 277 2.67 8.59 -16.69
CA ILE A 277 1.67 7.58 -16.37
C ILE A 277 0.32 8.06 -16.87
N ARG A 278 -0.40 7.18 -17.56
CA ARG A 278 -1.74 7.47 -18.06
C ARG A 278 -2.63 6.26 -17.80
N ILE A 279 -3.80 6.50 -17.22
CA ILE A 279 -4.71 5.44 -16.80
C ILE A 279 -5.83 5.32 -17.81
N PHE A 280 -6.17 4.09 -18.18
CA PHE A 280 -7.31 3.81 -19.02
C PHE A 280 -8.38 3.05 -18.24
N LYS A 281 -9.62 3.13 -18.73
CA LYS A 281 -10.75 2.48 -18.10
C LYS A 281 -10.44 1.03 -17.81
N HIS A 282 -11.01 0.50 -16.74
CA HIS A 282 -10.76 -0.88 -16.35
C HIS A 282 -11.28 -1.85 -17.39
N ASN A 283 -10.36 -2.58 -18.02
CA ASN A 283 -10.67 -3.71 -18.88
C ASN A 283 -11.45 -3.27 -20.11
N ASN A 284 -11.21 -2.04 -20.53
CA ASN A 284 -11.85 -1.48 -21.71
C ASN A 284 -10.85 -1.51 -22.86
N MET A 285 -11.15 -2.29 -23.90
CA MET A 285 -10.24 -2.41 -25.03
C MET A 285 -10.39 -1.29 -26.04
N GLN A 286 -11.43 -0.47 -25.88
CA GLN A 286 -11.67 0.63 -26.78
C GLN A 286 -11.07 1.92 -26.22
N SER A 287 -10.71 1.89 -24.94
CA SER A 287 -10.13 3.04 -24.28
C SER A 287 -8.62 2.92 -24.26
N LEU A 288 -8.13 1.69 -24.13
CA LEU A 288 -6.70 1.44 -24.11
C LEU A 288 -6.12 1.53 -25.50
N GLU A 289 -6.96 1.27 -26.49
CA GLU A 289 -6.52 1.30 -27.89
C GLU A 289 -6.58 2.71 -28.46
N LYS A 290 -7.21 3.62 -27.73
CA LYS A 290 -7.30 5.01 -28.15
C LYS A 290 -6.19 5.81 -27.50
N LEU A 291 -5.65 5.28 -26.41
CA LEU A 291 -4.56 5.91 -25.69
C LEU A 291 -3.24 5.53 -26.31
N LEU A 292 -3.25 4.46 -27.11
CA LEU A 292 -2.06 3.97 -27.79
C LEU A 292 -1.86 4.68 -29.11
N LYS A 293 -2.85 5.45 -29.54
CA LYS A 293 -2.76 6.18 -30.79
C LYS A 293 -2.27 7.60 -30.54
N ASP A 294 -2.79 8.23 -29.50
CA ASP A 294 -2.41 9.59 -29.15
C ASP A 294 -1.05 9.65 -28.49
N ALA A 295 -0.51 8.49 -28.14
CA ALA A 295 0.80 8.41 -27.52
C ALA A 295 1.88 8.30 -28.57
N ILE A 296 1.47 7.96 -29.79
CA ILE A 296 2.42 7.81 -30.89
C ILE A 296 2.39 8.98 -31.87
N VAL A 297 1.20 9.52 -32.13
CA VAL A 297 1.07 10.64 -33.05
C VAL A 297 1.11 12.00 -32.38
N TYR A 298 1.61 12.05 -31.15
CA TYR A 298 1.70 13.31 -30.43
C TYR A 298 2.97 13.38 -29.59
N GLY A 299 3.69 12.26 -29.52
CA GLY A 299 4.94 12.18 -28.78
C GLY A 299 4.90 12.64 -27.32
N GLN A 300 6.02 13.19 -26.87
CA GLN A 300 6.15 13.68 -25.50
C GLN A 300 5.31 14.92 -25.26
N PRO A 301 4.99 15.20 -23.99
CA PRO A 301 4.11 16.35 -23.72
C PRO A 301 4.60 17.70 -24.23
N ARG A 302 5.79 18.13 -23.82
CA ARG A 302 6.22 19.48 -24.15
C ARG A 302 7.08 19.50 -25.42
N THR A 303 8.10 18.64 -25.48
CA THR A 303 9.02 18.64 -26.62
C THR A 303 8.41 18.04 -27.87
N ARG A 304 7.34 17.25 -27.75
CA ARG A 304 6.67 16.60 -28.88
C ARG A 304 7.62 15.64 -29.60
N ARG A 305 8.57 15.11 -28.87
CA ARG A 305 9.50 14.10 -29.36
C ARG A 305 8.89 12.71 -29.24
N PRO A 306 9.38 11.74 -30.01
CA PRO A 306 8.85 10.38 -29.89
C PRO A 306 9.23 9.76 -28.56
N TRP A 307 8.38 8.87 -28.07
CA TRP A 307 8.68 8.13 -26.86
C TRP A 307 9.79 7.12 -27.12
N LYS A 308 10.58 6.85 -26.08
CA LYS A 308 11.59 5.81 -26.19
C LYS A 308 10.94 4.43 -26.28
N LYS A 309 9.94 4.18 -25.44
CA LYS A 309 9.25 2.90 -25.40
C LYS A 309 7.94 3.07 -24.65
N ILE A 310 7.03 2.12 -24.85
CA ILE A 310 5.73 2.11 -24.20
C ILE A 310 5.53 0.78 -23.50
N LEU A 311 5.18 0.83 -22.21
CA LEU A 311 4.97 -0.36 -21.40
C LEU A 311 3.53 -0.39 -20.92
N ILE A 312 2.95 -1.59 -20.87
CA ILE A 312 1.55 -1.80 -20.49
C ILE A 312 1.51 -2.67 -19.24
N LEU A 313 0.85 -2.20 -18.20
CA LEU A 313 0.74 -2.93 -16.94
C LEU A 313 -0.70 -3.41 -16.78
N VAL A 314 -0.88 -4.73 -16.66
CA VAL A 314 -2.19 -5.31 -16.41
C VAL A 314 -2.05 -6.42 -15.38
N GLU A 315 -3.16 -7.08 -15.07
CA GLU A 315 -3.17 -8.19 -14.12
C GLU A 315 -4.04 -9.30 -14.67
N GLY A 316 -3.74 -10.53 -14.26
CA GLY A 316 -4.55 -11.66 -14.68
C GLY A 316 -5.96 -11.61 -14.10
N ILE A 317 -6.05 -11.52 -12.79
CA ILE A 317 -7.33 -11.43 -12.09
C ILE A 317 -7.28 -10.23 -11.16
N TYR A 318 -8.34 -9.42 -11.16
CA TYR A 318 -8.48 -8.31 -10.24
C TYR A 318 -9.29 -8.78 -9.04
N SER A 319 -8.68 -8.73 -7.85
CA SER A 319 -9.22 -9.43 -6.69
C SER A 319 -10.58 -8.89 -6.27
N MET A 320 -10.62 -7.59 -6.01
CA MET A 320 -11.85 -6.95 -5.56
C MET A 320 -12.99 -7.19 -6.53
N GLU A 321 -12.80 -6.69 -7.75
CA GLU A 321 -13.79 -6.78 -8.81
C GLU A 321 -13.49 -8.06 -9.59
N GLY A 322 -13.81 -9.20 -8.98
CA GLY A 322 -13.27 -10.46 -9.44
C GLY A 322 -13.55 -10.75 -10.89
N SER A 323 -12.53 -10.56 -11.74
CA SER A 323 -12.71 -10.56 -13.17
C SER A 323 -11.39 -10.88 -13.84
N ILE A 324 -11.46 -11.34 -15.07
CA ILE A 324 -10.29 -11.76 -15.83
C ILE A 324 -10.02 -10.75 -16.92
N VAL A 325 -8.75 -10.60 -17.28
CA VAL A 325 -8.31 -9.65 -18.30
C VAL A 325 -8.47 -10.29 -19.67
N ARG A 326 -8.72 -9.47 -20.68
CA ARG A 326 -8.87 -9.96 -22.04
C ARG A 326 -7.53 -10.03 -22.74
N LEU A 327 -6.76 -11.08 -22.48
CA LEU A 327 -5.44 -11.21 -23.11
C LEU A 327 -5.47 -11.25 -24.63
N PRO A 328 -6.40 -11.93 -25.31
CA PRO A 328 -6.35 -11.93 -26.77
C PRO A 328 -6.36 -10.54 -27.39
N GLU A 329 -7.22 -9.65 -26.89
CA GLU A 329 -7.28 -8.30 -27.43
C GLU A 329 -6.09 -7.45 -27.01
N VAL A 330 -5.65 -7.59 -25.75
CA VAL A 330 -4.47 -6.85 -25.30
C VAL A 330 -3.23 -7.25 -26.09
N ILE A 331 -3.04 -8.54 -26.36
CA ILE A 331 -1.94 -8.99 -27.20
C ILE A 331 -2.10 -8.58 -28.65
N ALA A 332 -3.32 -8.59 -29.20
CA ALA A 332 -3.53 -8.08 -30.53
C ALA A 332 -3.19 -6.61 -30.66
N LEU A 333 -3.36 -5.83 -29.60
CA LEU A 333 -3.02 -4.40 -29.65
C LEU A 333 -1.54 -4.12 -29.47
N LYS A 334 -0.80 -4.92 -28.72
CA LYS A 334 0.64 -4.67 -28.57
C LYS A 334 1.44 -5.08 -29.80
N LYS A 335 0.85 -5.89 -30.66
CA LYS A 335 1.55 -6.32 -31.87
C LYS A 335 1.37 -5.29 -32.99
N LYS A 336 0.31 -4.50 -32.91
CA LYS A 336 0.04 -3.49 -33.92
C LYS A 336 0.68 -2.15 -33.59
N TYR A 337 0.97 -1.88 -32.33
CA TYR A 337 1.61 -0.63 -31.93
C TYR A 337 2.99 -0.84 -31.32
N LYS A 338 3.51 -2.06 -31.35
CA LYS A 338 4.88 -2.36 -30.96
C LYS A 338 5.16 -1.94 -29.52
N ALA A 339 4.18 -2.16 -28.66
CA ALA A 339 4.32 -1.90 -27.23
C ALA A 339 4.87 -3.14 -26.52
N TYR A 340 5.09 -2.99 -25.22
CA TYR A 340 5.59 -4.08 -24.38
C TYR A 340 4.58 -4.38 -23.28
N LEU A 341 4.55 -5.63 -22.84
CA LEU A 341 3.56 -6.10 -21.88
C LEU A 341 4.22 -6.52 -20.57
N TYR A 342 3.49 -6.33 -19.49
CA TYR A 342 3.95 -6.68 -18.15
C TYR A 342 2.77 -7.26 -17.40
N LEU A 343 2.64 -8.58 -17.46
CA LEU A 343 1.53 -9.27 -16.81
C LEU A 343 1.83 -9.58 -15.35
N ASP A 344 0.86 -9.31 -14.49
CA ASP A 344 1.01 -9.58 -13.06
C ASP A 344 -0.07 -10.57 -12.63
N GLU A 345 0.28 -11.85 -12.58
CA GLU A 345 -0.68 -12.87 -12.21
C GLU A 345 -0.43 -13.52 -10.86
N ALA A 346 -0.78 -12.83 -9.79
CA ALA A 346 -0.60 -13.36 -8.45
C ALA A 346 -1.84 -14.14 -8.03
N HIS A 347 -3.00 -13.74 -8.56
CA HIS A 347 -4.25 -14.38 -8.21
C HIS A 347 -4.73 -15.38 -9.26
N SER A 348 -3.93 -15.61 -10.30
CA SER A 348 -4.34 -16.54 -11.34
C SER A 348 -3.39 -17.70 -11.54
N ILE A 349 -2.16 -17.57 -11.08
CA ILE A 349 -1.20 -18.64 -11.23
C ILE A 349 -1.59 -19.77 -10.27
N GLY A 350 -1.92 -20.93 -10.83
CA GLY A 350 -2.39 -22.05 -10.04
C GLY A 350 -3.89 -22.10 -9.84
N ALA A 351 -4.62 -21.03 -10.12
CA ALA A 351 -6.06 -20.98 -9.93
C ALA A 351 -6.84 -21.17 -11.21
N LEU A 352 -6.26 -20.84 -12.36
CA LEU A 352 -6.88 -21.07 -13.66
C LEU A 352 -6.02 -22.03 -14.47
N GLY A 353 -6.54 -22.41 -15.63
CA GLY A 353 -5.82 -23.29 -16.52
C GLY A 353 -6.09 -24.74 -16.21
N PRO A 354 -6.19 -25.57 -17.24
CA PRO A 354 -6.48 -27.00 -17.02
C PRO A 354 -5.43 -27.70 -16.20
N THR A 355 -4.22 -27.16 -16.14
CA THR A 355 -3.15 -27.77 -15.39
C THR A 355 -2.57 -26.81 -14.34
N GLY A 356 -3.04 -25.57 -14.31
CA GLY A 356 -2.62 -24.63 -13.30
C GLY A 356 -1.52 -23.67 -13.72
N ARG A 357 -1.41 -23.41 -15.02
CA ARG A 357 -0.35 -22.55 -15.52
C ARG A 357 -0.69 -21.05 -15.56
N GLY A 358 -1.91 -20.70 -15.23
CA GLY A 358 -2.30 -19.30 -15.22
C GLY A 358 -3.32 -18.95 -16.28
N VAL A 359 -3.36 -17.65 -16.61
CA VAL A 359 -4.31 -17.15 -17.58
C VAL A 359 -3.84 -17.43 -19.00
N VAL A 360 -2.52 -17.46 -19.22
CA VAL A 360 -1.99 -17.72 -20.55
C VAL A 360 -2.39 -19.10 -21.04
N GLU A 361 -2.37 -20.09 -20.15
CA GLU A 361 -2.91 -21.41 -20.49
C GLU A 361 -4.42 -21.43 -20.49
N TYR A 362 -5.05 -20.59 -19.67
CA TYR A 362 -6.51 -20.52 -19.64
C TYR A 362 -7.07 -20.13 -21.01
N PHE A 363 -6.36 -19.25 -21.73
CA PHE A 363 -6.82 -18.87 -23.05
C PHE A 363 -6.21 -19.73 -24.15
N GLY A 364 -5.05 -20.32 -23.92
CA GLY A 364 -4.35 -21.08 -24.94
C GLY A 364 -3.24 -20.36 -25.65
N LEU A 365 -2.90 -19.15 -25.22
CA LEU A 365 -1.95 -18.32 -25.95
C LEU A 365 -0.52 -18.81 -25.76
N ASP A 366 0.38 -18.21 -26.53
CA ASP A 366 1.79 -18.53 -26.45
C ASP A 366 2.45 -17.76 -25.31
N PRO A 367 3.09 -18.45 -24.36
CA PRO A 367 3.76 -17.74 -23.27
C PRO A 367 4.96 -16.90 -23.70
N GLU A 368 5.34 -17.00 -24.97
CA GLU A 368 6.47 -16.24 -25.49
C GLU A 368 6.06 -14.87 -26.03
N ASP A 369 4.76 -14.60 -26.04
CA ASP A 369 4.25 -13.32 -26.52
C ASP A 369 4.16 -12.28 -25.41
N VAL A 370 4.45 -12.66 -24.17
CA VAL A 370 4.38 -11.75 -23.03
C VAL A 370 5.81 -11.45 -22.59
N ASP A 371 6.17 -10.16 -22.59
CA ASP A 371 7.56 -9.78 -22.36
C ASP A 371 7.99 -10.11 -20.94
N VAL A 372 7.22 -9.69 -19.94
CA VAL A 372 7.53 -9.93 -18.54
C VAL A 372 6.35 -10.63 -17.90
N MET A 373 6.63 -11.63 -17.07
CA MET A 373 5.61 -12.46 -16.44
C MET A 373 5.89 -12.51 -14.94
N MET A 374 5.08 -11.81 -14.16
CA MET A 374 5.22 -11.78 -12.71
C MET A 374 4.23 -12.73 -12.04
N GLY A 375 4.56 -13.13 -10.81
CA GLY A 375 3.65 -13.89 -9.99
C GLY A 375 4.10 -13.83 -8.54
N THR A 376 3.36 -14.54 -7.68
CA THR A 376 3.71 -14.68 -6.28
C THR A 376 3.47 -16.11 -5.85
N PHE A 377 4.23 -16.55 -4.85
CA PHE A 377 4.06 -17.88 -4.30
C PHE A 377 3.14 -17.92 -3.09
N THR A 378 2.49 -16.81 -2.74
CA THR A 378 1.88 -16.67 -1.43
C THR A 378 0.36 -16.85 -1.48
N1 LLP A 379 1.03 -7.77 -6.00
C2 LLP A 379 -0.21 -7.92 -6.55
C2' LLP A 379 -0.47 -7.44 -7.96
C3 LLP A 379 -1.30 -8.55 -5.77
O3 LLP A 379 -2.54 -8.72 -6.30
C4 LLP A 379 -0.98 -9.01 -4.39
C4' LLP A 379 -2.01 -9.65 -3.54
C5 LLP A 379 0.41 -8.78 -3.91
C6 LLP A 379 1.33 -8.17 -4.75
C5' LLP A 379 0.80 -9.22 -2.52
OP4 LLP A 379 2.19 -9.49 -2.48
P LLP A 379 2.82 -10.41 -1.31
OP1 LLP A 379 3.50 -11.53 -2.06
OP2 LLP A 379 3.75 -9.48 -0.59
OP3 LLP A 379 1.61 -10.83 -0.51
N LLP A 379 -0.17 -17.22 -2.65
CA LLP A 379 -1.62 -17.25 -2.78
CB LLP A 379 -2.07 -16.10 -3.68
CG LLP A 379 -1.84 -14.75 -3.03
CD LLP A 379 -2.27 -13.59 -3.87
CE LLP A 379 -1.91 -12.28 -3.19
NZ LLP A 379 -2.29 -11.09 -3.98
C LLP A 379 -2.12 -18.59 -3.31
O LLP A 379 -3.30 -18.89 -3.20
N SER A 380 -1.23 -19.38 -3.89
CA SER A 380 -1.61 -20.72 -4.35
C SER A 380 -0.66 -21.82 -3.87
N PHE A 381 0.56 -21.48 -3.46
CA PHE A 381 1.54 -22.48 -3.03
C PHE A 381 1.74 -22.51 -1.53
N GLY A 382 1.05 -21.64 -0.78
CA GLY A 382 1.17 -21.64 0.66
C GLY A 382 2.57 -21.29 1.14
N ALA A 383 3.16 -20.24 0.58
CA ALA A 383 4.53 -19.84 0.88
C ALA A 383 4.66 -18.33 0.77
N SER A 384 5.88 -17.83 0.59
CA SER A 384 6.08 -16.41 0.38
C SER A 384 7.13 -16.20 -0.70
N GLY A 385 7.12 -15.03 -1.31
CA GLY A 385 8.07 -14.67 -2.34
C GLY A 385 7.40 -14.35 -3.65
N GLY A 386 8.23 -13.94 -4.61
CA GLY A 386 7.78 -13.63 -5.95
C GLY A 386 8.78 -14.10 -6.98
N TYR A 387 8.44 -13.86 -8.25
CA TYR A 387 9.31 -14.28 -9.34
C TYR A 387 9.03 -13.41 -10.56
N ILE A 388 9.96 -13.42 -11.50
CA ILE A 388 9.79 -12.83 -12.82
C ILE A 388 10.36 -13.80 -13.84
N GLY A 389 9.64 -14.00 -14.94
CA GLY A 389 10.09 -14.89 -16.00
C GLY A 389 10.05 -14.19 -17.35
N GLY A 390 10.90 -14.67 -18.26
CA GLY A 390 10.97 -14.05 -19.57
C GLY A 390 12.16 -14.59 -20.35
N LYS A 391 12.63 -13.77 -21.29
CA LYS A 391 13.76 -14.15 -22.12
C LYS A 391 15.03 -14.21 -21.29
N LYS A 392 16.03 -14.94 -21.80
CA LYS A 392 17.31 -15.01 -21.11
C LYS A 392 18.05 -13.68 -21.16
N GLU A 393 17.79 -12.85 -22.16
CA GLU A 393 18.41 -11.53 -22.23
C GLU A 393 17.86 -10.57 -21.18
N LEU A 394 16.62 -10.76 -20.73
CA LEU A 394 16.02 -9.89 -19.73
C LEU A 394 16.36 -10.30 -18.32
N ILE A 395 16.37 -11.61 -18.04
CA ILE A 395 16.77 -12.07 -16.71
C ILE A 395 18.24 -11.81 -16.44
N ASP A 396 19.10 -11.99 -17.44
CA ASP A 396 20.52 -11.68 -17.27
C ASP A 396 20.75 -10.21 -16.96
N TYR A 397 19.91 -9.33 -17.49
CA TYR A 397 20.00 -7.91 -17.20
C TYR A 397 19.42 -7.55 -15.84
N LEU A 398 18.32 -8.18 -15.44
CA LEU A 398 17.77 -7.96 -14.11
C LEU A 398 18.65 -8.52 -13.01
N ARG A 399 19.47 -9.52 -13.30
CA ARG A 399 20.35 -10.10 -12.29
C ARG A 399 21.44 -9.14 -11.83
N THR A 400 21.67 -8.04 -12.54
CA THR A 400 22.69 -7.07 -12.17
C THR A 400 22.14 -5.67 -11.93
N HIS A 401 20.99 -5.32 -12.48
CA HIS A 401 20.45 -3.97 -12.37
C HIS A 401 19.13 -3.95 -11.60
N SER A 402 18.99 -4.80 -10.60
CA SER A 402 17.78 -4.87 -9.80
C SER A 402 18.10 -4.54 -8.35
N HIS A 403 17.25 -3.73 -7.72
CA HIS A 403 17.52 -3.28 -6.37
C HIS A 403 17.58 -4.44 -5.39
N SER A 404 16.74 -5.45 -5.61
CA SER A 404 16.68 -6.59 -4.70
C SER A 404 17.92 -7.45 -4.76
N ALA A 405 18.49 -7.61 -5.95
CA ALA A 405 19.64 -8.49 -6.10
C ALA A 405 20.90 -7.95 -5.44
N VAL A 406 20.92 -6.67 -5.10
CA VAL A 406 22.13 -6.02 -4.60
C VAL A 406 21.96 -5.39 -3.22
N TYR A 407 20.74 -5.03 -2.81
CA TYR A 407 20.55 -4.38 -1.53
C TYR A 407 19.69 -5.14 -0.53
N ALA A 408 19.01 -6.20 -0.94
CA ALA A 408 18.09 -6.91 -0.06
C ALA A 408 18.51 -8.37 0.10
N THR A 409 18.15 -8.93 1.24
CA THR A 409 18.51 -10.31 1.56
C THR A 409 17.68 -11.29 0.72
N SER A 410 18.16 -12.52 0.67
CA SER A 410 17.58 -13.54 -0.19
C SER A 410 16.40 -14.23 0.50
N LEU A 411 15.87 -15.25 -0.16
CA LEU A 411 14.80 -16.06 0.41
C LEU A 411 15.34 -16.98 1.51
N SER A 412 14.42 -17.54 2.28
CA SER A 412 14.89 -18.46 3.30
C SER A 412 14.85 -19.89 2.79
N PRO A 413 15.78 -20.75 3.22
CA PRO A 413 15.79 -22.14 2.75
C PRO A 413 14.51 -22.89 3.11
N PRO A 414 14.00 -22.79 4.35
CA PRO A 414 12.78 -23.57 4.67
C PRO A 414 11.57 -23.21 3.82
N VAL A 415 11.42 -21.94 3.45
CA VAL A 415 10.31 -21.56 2.59
C VAL A 415 10.59 -21.88 1.12
N VAL A 416 11.84 -21.80 0.68
CA VAL A 416 12.17 -22.21 -0.68
C VAL A 416 11.90 -23.69 -0.91
N GLU A 417 12.25 -24.56 0.04
CA GLU A 417 12.01 -25.98 -0.17
C GLU A 417 10.53 -26.32 -0.30
N GLN A 418 9.66 -25.61 0.40
CA GLN A 418 8.24 -25.91 0.26
C GLN A 418 7.73 -25.53 -1.13
N ILE A 419 8.22 -24.42 -1.69
CA ILE A 419 7.82 -24.05 -3.04
C ILE A 419 8.22 -25.15 -4.02
N ILE A 420 9.43 -25.67 -3.88
CA ILE A 420 9.90 -26.73 -4.77
C ILE A 420 9.03 -27.96 -4.63
N THR A 421 8.81 -28.41 -3.40
CA THR A 421 8.01 -29.62 -3.18
C THR A 421 6.58 -29.44 -3.66
N SER A 422 5.98 -28.27 -3.42
CA SER A 422 4.61 -28.02 -3.84
C SER A 422 4.48 -27.94 -5.35
N MET A 423 5.34 -27.18 -6.01
CA MET A 423 5.28 -27.04 -7.46
C MET A 423 5.71 -28.31 -8.17
N LYS A 424 6.35 -29.25 -7.48
CA LYS A 424 6.55 -30.58 -8.03
C LYS A 424 5.29 -31.44 -7.97
N CYS A 425 4.26 -31.01 -7.24
CA CYS A 425 3.04 -31.81 -7.14
C CYS A 425 2.03 -31.43 -8.21
N ILE A 426 2.00 -30.15 -8.61
CA ILE A 426 1.11 -29.74 -9.69
C ILE A 426 1.53 -30.37 -11.00
N MET A 427 2.84 -30.51 -11.20
CA MET A 427 3.37 -31.08 -12.43
C MET A 427 3.14 -32.59 -12.51
N GLY A 428 3.01 -33.22 -11.35
CA GLY A 428 2.82 -34.65 -11.30
C GLY A 428 4.16 -35.35 -11.36
N GLN A 429 5.19 -34.66 -10.87
CA GLN A 429 6.55 -35.18 -10.87
C GLN A 429 6.81 -36.07 -9.65
N ASP A 430 5.89 -36.02 -8.68
CA ASP A 430 6.04 -36.81 -7.47
C ASP A 430 5.66 -38.28 -7.69
N GLY A 431 4.89 -38.54 -8.75
CA GLY A 431 4.47 -39.89 -9.07
C GLY A 431 3.11 -40.24 -8.53
N THR A 432 2.30 -39.23 -8.25
CA THR A 432 0.95 -39.44 -7.74
C THR A 432 -0.09 -38.71 -8.56
N SER A 433 -1.23 -38.43 -7.94
CA SER A 433 -2.32 -37.73 -8.62
C SER A 433 -2.93 -36.69 -7.70
N LEU A 434 -2.08 -35.97 -6.98
CA LEU A 434 -2.54 -34.93 -6.07
C LEU A 434 -2.40 -33.55 -6.70
N GLY A 435 -2.22 -33.53 -8.02
CA GLY A 435 -2.07 -32.28 -8.74
C GLY A 435 -3.26 -32.01 -9.63
N LYS A 436 -3.90 -33.08 -10.09
CA LYS A 436 -5.07 -32.97 -10.95
C LYS A 436 -6.33 -32.87 -10.11
N GLU A 437 -6.36 -33.59 -9.00
CA GLU A 437 -7.52 -33.56 -8.11
C GLU A 437 -7.79 -32.15 -7.61
N CYS A 438 -6.78 -31.46 -7.08
CA CYS A 438 -7.02 -30.13 -6.53
C CYS A 438 -7.41 -29.15 -7.63
N VAL A 439 -6.76 -29.23 -8.79
CA VAL A 439 -7.07 -28.32 -9.88
C VAL A 439 -8.51 -28.51 -10.35
N GLN A 440 -8.94 -29.76 -10.46
CA GLN A 440 -10.28 -30.07 -10.90
C GLN A 440 -11.35 -29.74 -9.85
N GLN A 441 -10.99 -29.87 -8.58
CA GLN A 441 -11.91 -29.60 -7.49
C GLN A 441 -12.16 -28.11 -7.32
N LEU A 442 -11.13 -27.28 -7.52
CA LEU A 442 -11.33 -25.84 -7.39
C LEU A 442 -12.34 -25.33 -8.42
N ALA A 443 -12.21 -25.76 -9.67
CA ALA A 443 -13.13 -25.34 -10.71
C ALA A 443 -14.54 -25.87 -10.44
N GLU A 444 -14.62 -27.09 -9.95
CA GLU A 444 -15.89 -27.70 -9.62
C GLU A 444 -16.62 -26.91 -8.53
N ASN A 445 -15.88 -26.50 -7.50
CA ASN A 445 -16.44 -25.73 -6.41
C ASN A 445 -16.87 -24.34 -6.87
N THR A 446 -16.05 -23.68 -7.67
CA THR A 446 -16.41 -22.36 -8.16
C THR A 446 -17.69 -22.39 -8.98
N ARG A 447 -17.77 -23.34 -9.93
CA ARG A 447 -18.94 -23.44 -10.78
C ARG A 447 -20.19 -23.74 -9.99
N TYR A 448 -20.12 -24.65 -9.02
CA TYR A 448 -21.26 -24.96 -8.17
C TYR A 448 -21.66 -23.81 -7.27
N PHE A 449 -20.71 -23.09 -6.68
CA PHE A 449 -20.98 -22.06 -5.68
C PHE A 449 -21.48 -20.76 -6.28
N ARG A 450 -21.05 -20.39 -7.48
CA ARG A 450 -21.55 -19.15 -8.08
C ARG A 450 -22.98 -19.26 -8.57
N ARG A 451 -23.36 -20.38 -9.18
CA ARG A 451 -24.72 -20.56 -9.67
C ARG A 451 -25.74 -20.57 -8.54
N ARG A 452 -25.40 -21.17 -7.40
CA ARG A 452 -26.34 -21.19 -6.28
C ARG A 452 -26.60 -19.79 -5.73
N LEU A 453 -25.58 -18.93 -5.70
CA LEU A 453 -25.83 -17.56 -5.28
C LEU A 453 -26.62 -16.79 -6.34
N LYS A 454 -26.37 -17.07 -7.62
CA LYS A 454 -27.19 -16.43 -8.65
C LYS A 454 -28.66 -16.82 -8.55
N GLU A 455 -28.94 -18.07 -8.16
CA GLU A 455 -30.31 -18.55 -8.10
C GLU A 455 -31.05 -18.15 -6.83
N MET A 456 -30.40 -17.45 -5.90
CA MET A 456 -31.06 -16.96 -4.70
C MET A 456 -31.46 -15.49 -4.77
N GLY A 457 -30.94 -14.74 -5.74
CA GLY A 457 -31.31 -13.36 -5.92
C GLY A 457 -30.30 -12.33 -5.46
N PHE A 458 -29.06 -12.72 -5.17
CA PHE A 458 -28.01 -11.77 -4.82
C PHE A 458 -27.47 -11.12 -6.09
N ILE A 459 -26.54 -10.18 -5.91
CA ILE A 459 -25.85 -9.54 -7.03
C ILE A 459 -24.38 -9.92 -6.92
N ILE A 460 -23.88 -10.64 -7.92
CA ILE A 460 -22.49 -11.07 -7.96
C ILE A 460 -21.78 -10.38 -9.11
N TYR A 461 -20.58 -9.89 -8.86
CA TYR A 461 -19.75 -9.31 -9.91
C TYR A 461 -18.86 -10.37 -10.56
N GLY A 462 -18.45 -10.09 -11.79
CA GLY A 462 -17.30 -10.74 -12.38
C GLY A 462 -17.59 -11.90 -13.32
N ASN A 463 -16.49 -12.46 -13.82
CA ASN A 463 -16.51 -13.54 -14.77
C ASN A 463 -16.99 -14.82 -14.10
N GLU A 464 -17.49 -15.74 -14.91
CA GLU A 464 -18.13 -16.96 -14.42
C GLU A 464 -17.13 -18.03 -14.03
N ASP A 465 -15.82 -17.77 -14.15
CA ASP A 465 -14.80 -18.76 -13.85
C ASP A 465 -13.81 -18.27 -12.81
N SER A 466 -14.08 -17.15 -12.18
CA SER A 466 -13.14 -16.59 -11.22
C SER A 466 -13.38 -17.17 -9.83
N PRO A 467 -12.33 -17.58 -9.12
CA PRO A 467 -12.53 -18.13 -7.77
C PRO A 467 -12.75 -17.10 -6.69
N VAL A 468 -12.79 -15.81 -7.02
CA VAL A 468 -13.11 -14.76 -6.05
C VAL A 468 -14.51 -14.26 -6.38
N VAL A 469 -15.38 -14.28 -5.39
CA VAL A 469 -16.81 -14.06 -5.59
C VAL A 469 -17.23 -12.87 -4.72
N PRO A 470 -17.27 -11.66 -5.27
CA PRO A 470 -17.71 -10.51 -4.46
C PRO A 470 -19.22 -10.35 -4.41
N LEU A 471 -19.78 -10.39 -3.21
CA LEU A 471 -21.20 -10.19 -2.98
C LEU A 471 -21.39 -8.69 -2.82
N MET A 472 -22.56 -8.18 -3.19
CA MET A 472 -22.78 -6.74 -3.15
C MET A 472 -23.76 -6.39 -2.03
N LEU A 473 -23.37 -5.40 -1.23
CA LEU A 473 -24.22 -4.88 -0.15
C LEU A 473 -23.84 -3.41 0.00
N TYR A 474 -24.76 -2.52 -0.36
CA TYR A 474 -24.36 -1.14 -0.61
C TYR A 474 -24.41 -0.27 0.64
N MET A 475 -25.37 -0.52 1.52
CA MET A 475 -25.51 0.31 2.73
C MET A 475 -24.27 0.29 3.61
N PRO A 476 -23.92 1.45 4.19
CA PRO A 476 -22.73 1.49 5.05
C PRO A 476 -22.92 0.84 6.42
N ALA A 477 -24.15 0.53 6.82
CA ALA A 477 -24.37 -0.19 8.07
C ALA A 477 -24.46 -1.70 7.86
N LYS A 478 -24.81 -2.13 6.66
CA LYS A 478 -24.79 -3.56 6.36
C LYS A 478 -23.37 -4.11 6.32
N ILE A 479 -22.36 -3.27 6.08
CA ILE A 479 -20.98 -3.71 6.23
C ILE A 479 -20.73 -4.17 7.65
N GLY A 480 -21.15 -3.37 8.64
CA GLY A 480 -20.99 -3.76 10.02
C GLY A 480 -21.89 -4.88 10.47
N ALA A 481 -23.07 -4.99 9.89
CA ALA A 481 -23.99 -6.07 10.27
C ALA A 481 -23.61 -7.42 9.68
N PHE A 482 -23.11 -7.45 8.45
CA PHE A 482 -22.84 -8.72 7.78
C PHE A 482 -21.73 -9.49 8.46
N GLY A 483 -20.63 -8.81 8.81
CA GLY A 483 -19.54 -9.50 9.47
C GLY A 483 -19.95 -10.08 10.82
N ARG A 484 -20.69 -9.30 11.58
CA ARG A 484 -21.17 -9.73 12.88
C ARG A 484 -22.09 -10.94 12.78
N GLU A 485 -23.04 -10.90 11.85
CA GLU A 485 -23.97 -12.01 11.69
C GLU A 485 -23.26 -13.26 11.22
N MET A 486 -22.37 -13.12 10.23
CA MET A 486 -21.67 -14.27 9.69
C MET A 486 -20.78 -14.91 10.75
N LEU A 487 -20.04 -14.12 11.52
CA LEU A 487 -19.25 -14.70 12.60
C LEU A 487 -20.11 -15.33 13.66
N LYS A 488 -21.31 -14.78 13.91
CA LYS A 488 -22.22 -15.41 14.85
C LYS A 488 -22.73 -16.74 14.32
N ARG A 489 -22.68 -16.95 13.01
CA ARG A 489 -23.12 -18.22 12.46
C ARG A 489 -21.93 -19.08 12.05
N ASN A 490 -20.80 -18.86 12.71
CA ASN A 490 -19.54 -19.58 12.46
C ASN A 490 -19.04 -19.54 11.03
N ILE A 491 -18.93 -18.35 10.45
CA ILE A 491 -18.44 -18.19 9.09
C ILE A 491 -17.59 -16.93 9.00
N GLY A 492 -16.34 -17.07 8.56
CA GLY A 492 -15.46 -15.92 8.45
C GLY A 492 -15.26 -15.39 7.05
N VAL A 493 -15.64 -14.13 6.84
CA VAL A 493 -15.50 -13.49 5.53
C VAL A 493 -14.87 -12.11 5.70
N VAL A 494 -14.64 -11.41 4.59
CA VAL A 494 -14.05 -10.08 4.64
C VAL A 494 -14.94 -9.05 3.95
N VAL A 495 -15.00 -7.85 4.48
CA VAL A 495 -15.82 -6.80 3.89
C VAL A 495 -14.96 -5.59 3.52
N VAL A 496 -15.36 -4.86 2.49
CA VAL A 496 -14.61 -3.68 2.05
C VAL A 496 -15.45 -2.39 2.14
N GLY A 497 -14.79 -1.28 2.42
CA GLY A 497 -15.48 -0.01 2.59
C GLY A 497 -15.45 1.02 1.49
N PHE A 498 -15.45 2.29 1.89
CA PHE A 498 -15.45 3.42 0.97
C PHE A 498 -14.06 3.96 0.61
N PRO A 499 -13.06 3.65 1.41
CA PRO A 499 -11.72 4.13 1.04
C PRO A 499 -11.08 3.22 0.01
N ALA A 500 -11.53 1.98 -0.07
CA ALA A 500 -10.97 1.00 -1.00
C ALA A 500 -11.74 0.87 -2.30
N THR A 501 -13.04 1.15 -2.26
CA THR A 501 -13.87 1.06 -3.45
C THR A 501 -14.60 2.37 -3.70
N PRO A 502 -15.60 2.36 -4.58
CA PRO A 502 -16.37 3.57 -4.86
C PRO A 502 -17.37 3.86 -3.75
N ILE A 503 -17.93 5.07 -3.74
CA ILE A 503 -18.88 5.48 -2.71
C ILE A 503 -20.02 4.49 -2.41
N ILE A 504 -20.79 4.11 -3.42
CA ILE A 504 -21.91 3.21 -3.21
C ILE A 504 -21.70 1.79 -3.73
N GLU A 505 -20.48 1.27 -3.57
CA GLU A 505 -20.20 -0.10 -4.03
C GLU A 505 -19.51 -0.95 -2.97
N SER A 506 -20.07 -1.00 -1.77
CA SER A 506 -19.49 -1.82 -0.71
C SER A 506 -19.75 -3.28 -1.03
N ARG A 507 -18.87 -4.17 -0.62
CA ARG A 507 -19.04 -5.59 -0.92
C ARG A 507 -18.36 -6.50 0.08
N ALA A 508 -18.59 -7.80 -0.07
CA ALA A 508 -18.00 -8.82 0.79
C ALA A 508 -17.38 -9.87 -0.10
N ARG A 509 -16.09 -10.17 0.12
CA ARG A 509 -15.40 -11.09 -0.75
C ARG A 509 -15.47 -12.53 -0.21
N PHE A 510 -15.46 -13.48 -1.13
CA PHE A 510 -15.73 -14.89 -0.84
C PHE A 510 -14.69 -15.80 -1.51
N CYS A 511 -13.41 -15.55 -1.28
CA CYS A 511 -12.36 -16.39 -1.85
C CYS A 511 -12.61 -17.87 -1.59
N LEU A 512 -12.77 -18.62 -2.68
CA LEU A 512 -13.03 -20.06 -2.62
C LEU A 512 -11.71 -20.83 -2.49
N SER A 513 -11.84 -22.16 -2.43
CA SER A 513 -10.67 -23.02 -2.24
C SER A 513 -11.00 -24.42 -2.73
N ALA A 514 -9.96 -25.19 -3.00
CA ALA A 514 -10.09 -26.59 -3.36
C ALA A 514 -10.03 -27.51 -2.16
N ALA A 515 -9.88 -26.96 -0.95
CA ALA A 515 -9.99 -27.73 0.28
C ALA A 515 -11.40 -27.75 0.82
N HIS A 516 -12.29 -26.93 0.29
CA HIS A 516 -13.69 -26.95 0.70
C HIS A 516 -14.39 -28.16 0.12
N THR A 517 -15.21 -28.82 0.93
CA THR A 517 -15.93 -30.00 0.51
C THR A 517 -17.34 -29.57 0.09
N LYS A 518 -18.14 -30.54 -0.35
CA LYS A 518 -19.51 -30.26 -0.75
C LYS A 518 -20.34 -29.93 0.50
N GLU A 519 -20.07 -30.64 1.58
CA GLU A 519 -20.81 -30.42 2.82
C GLU A 519 -20.56 -29.01 3.38
N ILE A 520 -19.30 -28.59 3.38
CA ILE A 520 -18.96 -27.25 3.88
C ILE A 520 -19.61 -26.19 3.01
N LEU A 521 -19.63 -26.39 1.69
CA LEU A 521 -20.29 -25.42 0.82
C LEU A 521 -21.78 -25.35 1.04
N ASP A 522 -22.46 -26.48 1.23
CA ASP A 522 -23.89 -26.43 1.53
C ASP A 522 -24.16 -25.73 2.85
N THR A 523 -23.37 -26.06 3.88
CA THR A 523 -23.53 -25.38 5.16
C THR A 523 -23.34 -23.89 5.03
N ALA A 524 -22.27 -23.44 4.38
CA ALA A 524 -22.06 -22.02 4.19
C ALA A 524 -23.16 -21.37 3.36
N LEU A 525 -23.69 -22.07 2.36
CA LEU A 525 -24.73 -21.49 1.52
C LEU A 525 -26.07 -21.40 2.22
N LYS A 526 -26.23 -22.13 3.32
CA LYS A 526 -27.46 -22.11 4.10
C LYS A 526 -27.57 -20.84 4.95
N GLU A 527 -26.56 -20.60 5.79
CA GLU A 527 -26.54 -19.40 6.63
C GLU A 527 -26.45 -18.12 5.80
N ILE A 528 -25.81 -18.16 4.64
CA ILE A 528 -25.81 -16.98 3.79
C ILE A 528 -27.22 -16.64 3.35
N ASP A 529 -28.04 -17.66 3.06
CA ASP A 529 -29.42 -17.41 2.67
C ASP A 529 -30.22 -16.80 3.81
N GLU A 530 -30.13 -17.38 5.01
CA GLU A 530 -30.84 -16.78 6.15
C GLU A 530 -30.38 -15.36 6.45
N VAL A 531 -29.08 -15.09 6.43
CA VAL A 531 -28.61 -13.73 6.69
C VAL A 531 -29.01 -12.77 5.59
N GLY A 532 -29.01 -13.20 4.32
CA GLY A 532 -29.47 -12.34 3.25
C GLY A 532 -30.94 -12.01 3.34
N ASP A 533 -31.75 -12.95 3.82
CA ASP A 533 -33.16 -12.64 4.11
C ASP A 533 -33.32 -11.72 5.31
N LEU A 534 -32.54 -11.90 6.37
CA LEU A 534 -32.60 -11.05 7.55
C LEU A 534 -32.17 -9.62 7.28
N LEU A 535 -31.16 -9.39 6.44
CA LEU A 535 -30.75 -8.03 6.12
C LEU A 535 -31.30 -7.53 4.79
N GLN A 536 -32.11 -8.31 4.08
CA GLN A 536 -32.68 -7.92 2.79
C GLN A 536 -31.60 -7.53 1.80
N LEU A 537 -30.72 -8.47 1.47
CA LEU A 537 -29.61 -8.22 0.56
C LEU A 537 -29.81 -8.75 -0.87
N LYS A 538 -31.03 -9.17 -1.20
CA LYS A 538 -31.29 -9.70 -2.53
C LYS A 538 -31.81 -8.62 -3.49
N TYR A 539 -30.89 -7.85 -4.07
CA TYR A 539 -31.28 -6.77 -4.97
C TYR A 539 -31.43 -7.17 -6.45
N SER A 540 -31.08 -8.40 -6.80
CA SER A 540 -31.16 -8.84 -8.18
C SER A 540 -32.53 -8.63 -8.80
N ARG A 541 -32.56 -7.92 -9.92
CA ARG A 541 -33.80 -7.66 -10.63
C ARG A 541 -34.23 -8.87 -11.43
N HIS A 542 -33.28 -9.52 -12.09
CA HIS A 542 -33.57 -10.70 -12.89
C HIS A 542 -32.98 -11.95 -12.27
N ARG A 543 -33.60 -12.43 -11.20
CA ARG A 543 -33.12 -13.63 -10.52
C ARG A 543 -33.06 -14.80 -11.49
N LEU A 544 -31.97 -15.56 -11.42
CA LEU A 544 -31.76 -16.71 -12.30
C LEU A 544 -32.82 -17.80 -12.07
N VAL A 545 -33.12 -18.55 -13.12
CA VAL A 545 -34.10 -19.61 -13.04
C VAL A 545 -33.42 -20.97 -12.87
N PRO A 546 -33.76 -21.67 -11.78
CA PRO A 546 -33.18 -23.00 -11.47
C PRO A 546 -33.56 -24.05 -12.49
N LEU B 10 -51.98 32.34 -5.47
CA LEU B 10 -50.85 32.92 -6.17
C LEU B 10 -51.32 33.79 -7.35
N VAL B 11 -52.58 34.20 -7.29
CA VAL B 11 -53.13 35.07 -8.33
C VAL B 11 -52.44 36.43 -8.38
N GLU B 12 -52.11 37.01 -7.23
CA GLU B 12 -51.44 38.29 -7.19
C GLU B 12 -49.98 38.24 -7.63
N MET B 13 -49.42 37.03 -7.79
CA MET B 13 -48.01 36.90 -8.12
C MET B 13 -47.73 37.37 -9.55
N VAL B 14 -48.58 36.97 -10.50
CA VAL B 14 -48.42 37.44 -11.87
C VAL B 14 -48.70 38.94 -11.97
N GLN B 15 -49.65 39.43 -11.16
CA GLN B 15 -49.90 40.86 -11.11
C GLN B 15 -48.66 41.62 -10.65
N ALA B 16 -47.99 41.11 -9.62
CA ALA B 16 -46.72 41.70 -9.18
C ALA B 16 -45.64 41.58 -10.25
N LEU B 17 -45.58 40.46 -10.95
CA LEU B 17 -44.61 40.28 -12.02
C LEU B 17 -44.78 41.34 -13.10
N TYR B 18 -46.02 41.63 -13.49
CA TYR B 18 -46.25 42.72 -14.42
C TYR B 18 -45.82 44.07 -13.86
N GLU B 19 -45.96 44.28 -12.55
CA GLU B 19 -45.54 45.52 -11.91
C GLU B 19 -44.11 45.44 -11.38
N ALA B 20 -43.41 44.34 -11.60
CA ALA B 20 -42.07 44.19 -11.06
C ALA B 20 -41.15 45.25 -11.65
N PRO B 21 -40.16 45.72 -10.89
CA PRO B 21 -39.30 46.79 -11.39
C PRO B 21 -38.55 46.37 -12.64
N ALA B 22 -38.31 47.34 -13.53
CA ALA B 22 -37.71 47.04 -14.82
C ALA B 22 -36.28 46.56 -14.71
N TYR B 23 -35.53 47.02 -13.71
CA TYR B 23 -34.13 46.62 -13.57
C TYR B 23 -33.96 45.18 -13.12
N HIS B 24 -35.01 44.56 -12.59
CA HIS B 24 -34.90 43.19 -12.10
C HIS B 24 -35.12 42.19 -13.22
N LEU B 25 -36.06 42.46 -14.12
CA LEU B 25 -36.24 41.63 -15.31
C LEU B 25 -35.01 41.68 -16.21
N ILE B 26 -34.29 42.81 -16.23
CA ILE B 26 -33.06 42.88 -16.99
C ILE B 26 -32.05 41.87 -16.47
N LEU B 27 -31.88 41.82 -15.15
CA LEU B 27 -30.95 40.87 -14.54
C LEU B 27 -31.41 39.44 -14.79
N GLU B 28 -32.72 39.23 -14.75
CA GLU B 28 -33.29 37.92 -15.00
C GLU B 28 -32.94 37.46 -16.41
N GLY B 29 -33.13 38.34 -17.38
CA GLY B 29 -32.81 38.02 -18.76
C GLY B 29 -31.33 37.78 -18.97
N ILE B 30 -30.49 38.55 -18.29
CA ILE B 30 -29.05 38.34 -18.39
C ILE B 30 -28.68 36.96 -17.84
N LEU B 31 -29.32 36.56 -16.74
CA LEU B 31 -29.05 35.22 -16.20
C LEU B 31 -29.53 34.13 -17.15
N ILE B 32 -30.67 34.35 -17.79
CA ILE B 32 -31.20 33.37 -18.73
C ILE B 32 -30.25 33.21 -19.91
N LEU B 33 -29.63 34.31 -20.32
CA LEU B 33 -28.68 34.29 -21.42
C LEU B 33 -27.40 33.60 -21.00
N TRP B 34 -27.05 33.75 -19.72
CA TRP B 34 -25.84 33.14 -19.18
C TRP B 34 -26.00 31.63 -19.02
N ILE B 35 -27.23 31.20 -18.84
CA ILE B 35 -27.53 29.77 -18.69
C ILE B 35 -27.50 29.07 -20.05
N ILE B 36 -27.70 29.84 -21.11
CA ILE B 36 -27.70 29.29 -22.45
C ILE B 36 -26.34 29.40 -23.10
N ARG B 37 -25.49 30.28 -22.56
CA ARG B 37 -24.15 30.49 -23.10
C ARG B 37 -23.18 29.44 -22.57
N LEU B 38 -23.46 28.95 -21.37
CA LEU B 38 -22.60 27.95 -20.74
C LEU B 38 -23.12 26.54 -20.99
N LEU B 39 -24.27 26.46 -21.67
CA LEU B 39 -24.89 25.18 -21.97
C LEU B 39 -24.39 24.65 -23.31
N PHE B 40 -23.76 25.52 -24.09
CA PHE B 40 -23.23 25.15 -25.39
C PHE B 40 -21.74 25.42 -25.44
N SER B 41 -21.00 24.80 -24.53
CA SER B 41 -19.55 24.96 -24.45
C SER B 41 -18.86 23.60 -24.53
N LYS B 42 -17.54 23.59 -24.64
CA LYS B 42 -16.78 22.34 -24.77
C LYS B 42 -16.38 21.69 -23.45
N THR B 43 -15.09 21.71 -23.14
CA THR B 43 -14.58 21.11 -21.91
C THR B 43 -13.19 21.63 -21.53
N TYR B 44 -12.38 21.90 -22.56
CA TYR B 44 -11.00 22.42 -22.47
C TYR B 44 -10.25 22.40 -21.14
N LYS B 45 -9.50 21.34 -20.89
CA LYS B 45 -8.71 21.20 -19.67
C LYS B 45 -7.80 22.40 -19.47
N LEU B 46 -7.77 22.92 -18.24
CA LEU B 46 -6.94 24.07 -17.90
C LEU B 46 -5.46 23.72 -17.88
N GLN B 47 -4.78 23.88 -19.01
CA GLN B 47 -3.36 23.58 -19.09
C GLN B 47 -2.54 24.81 -19.46
N ASN C 10 -8.59 7.36 -6.68
CA ASN C 10 -9.09 8.51 -5.94
C ASN C 10 -10.59 8.68 -6.19
N PRO C 11 -11.41 7.93 -5.45
CA PRO C 11 -12.87 8.05 -5.63
C PRO C 11 -13.45 9.20 -4.83
N ASN C 12 -12.81 10.37 -4.89
CA ASN C 12 -13.36 11.59 -4.31
C ASN C 12 -13.73 12.62 -5.37
N THR C 13 -12.87 12.81 -6.37
CA THR C 13 -13.19 13.66 -7.51
C THR C 13 -14.24 13.04 -8.41
N ARG C 14 -14.57 11.76 -8.21
CA ARG C 14 -15.53 11.03 -9.03
C ARG C 14 -16.75 10.61 -8.23
N VAL C 15 -17.10 11.38 -7.19
CA VAL C 15 -18.33 11.15 -6.45
C VAL C 15 -19.54 11.79 -7.13
N MET C 16 -19.35 12.93 -7.80
CA MET C 16 -20.42 13.60 -8.52
C MET C 16 -20.74 12.92 -9.85
N ASN C 17 -20.15 11.76 -10.10
CA ASN C 17 -20.54 10.91 -11.21
C ASN C 17 -21.36 9.70 -10.80
N SER C 18 -21.52 9.46 -9.50
CA SER C 18 -22.15 8.25 -9.01
C SER C 18 -23.62 8.20 -9.42
N ARG C 19 -24.12 6.97 -9.60
CA ARG C 19 -25.48 6.76 -10.06
C ARG C 19 -26.50 7.19 -9.02
N GLY C 20 -27.24 8.25 -9.30
CA GLY C 20 -28.28 8.72 -8.42
C GLY C 20 -27.87 9.80 -7.43
N ILE C 21 -26.82 10.56 -7.71
CA ILE C 21 -26.43 11.66 -6.84
C ILE C 21 -27.13 12.97 -7.22
N TRP C 22 -27.47 13.16 -8.49
CA TRP C 22 -28.25 14.32 -8.89
C TRP C 22 -29.65 14.27 -8.26
N LEU C 23 -30.30 13.11 -8.36
CA LEU C 23 -31.62 12.95 -7.78
C LEU C 23 -31.60 12.99 -6.27
N SER C 24 -30.55 12.49 -5.64
CA SER C 24 -30.41 12.57 -4.19
C SER C 24 -30.02 13.94 -3.71
N TYR C 25 -29.43 14.78 -4.56
CA TYR C 25 -29.14 16.16 -4.25
C TYR C 25 -30.36 17.06 -4.40
N VAL C 26 -31.18 16.84 -5.42
CA VAL C 26 -32.43 17.57 -5.55
C VAL C 26 -33.38 17.29 -4.40
N LEU C 27 -33.51 16.02 -3.98
CA LEU C 27 -34.38 15.68 -2.88
C LEU C 27 -33.92 16.29 -1.56
N ALA C 28 -32.62 16.51 -1.39
CA ALA C 28 -32.16 17.18 -0.17
C ALA C 28 -32.68 18.60 -0.08
N ILE C 29 -32.61 19.34 -1.19
CA ILE C 29 -33.15 20.70 -1.22
C ILE C 29 -34.67 20.66 -1.07
N GLY C 30 -35.33 19.68 -1.70
CA GLY C 30 -36.76 19.53 -1.51
C GLY C 30 -37.17 19.26 -0.08
N LEU C 31 -36.35 18.52 0.67
CA LEU C 31 -36.61 18.26 2.08
C LEU C 31 -36.29 19.46 2.96
N LEU C 32 -35.28 20.25 2.61
CA LEU C 32 -35.01 21.48 3.34
C LEU C 32 -36.17 22.46 3.29
N HIS C 33 -36.92 22.48 2.19
CA HIS C 33 -38.05 23.39 2.02
C HIS C 33 -39.31 22.89 2.70
N ILE C 34 -39.32 21.66 3.19
CA ILE C 34 -40.48 21.13 3.91
C ILE C 34 -40.35 21.30 5.42
N VAL C 35 -39.16 21.13 5.99
CA VAL C 35 -38.98 21.40 7.41
C VAL C 35 -39.07 22.89 7.72
N LEU C 36 -38.81 23.76 6.75
CA LEU C 36 -38.97 25.19 6.93
C LEU C 36 -40.41 25.63 6.81
N LEU C 37 -41.17 25.00 5.92
CA LEU C 37 -42.57 25.37 5.71
C LEU C 37 -43.44 24.96 6.89
N SER C 38 -42.93 24.10 7.76
CA SER C 38 -43.73 23.58 8.86
C SER C 38 -43.70 24.46 10.11
N ILE C 39 -42.85 25.48 10.14
CA ILE C 39 -42.72 26.32 11.32
C ILE C 39 -44.05 27.05 11.53
N PRO C 40 -44.63 26.99 12.75
CA PRO C 40 -46.03 27.40 12.94
C PRO C 40 -46.37 28.81 12.48
N PHE C 41 -45.51 29.80 12.73
CA PHE C 41 -45.81 31.18 12.38
C PHE C 41 -44.64 31.80 11.63
N VAL C 42 -44.60 31.58 10.32
CA VAL C 42 -43.60 32.15 9.41
C VAL C 42 -44.25 32.34 8.05
N SER C 43 -44.10 33.51 7.47
CA SER C 43 -44.75 33.80 6.19
C SER C 43 -44.03 33.11 5.04
N VAL C 44 -44.75 32.95 3.93
CA VAL C 44 -44.21 32.20 2.79
C VAL C 44 -42.98 32.88 2.17
N PRO C 45 -43.00 34.18 1.86
CA PRO C 45 -41.82 34.78 1.21
C PRO C 45 -40.54 34.62 2.00
N VAL C 46 -40.61 34.74 3.33
CA VAL C 46 -39.40 34.64 4.14
C VAL C 46 -38.97 33.19 4.27
N VAL C 47 -39.92 32.26 4.16
CA VAL C 47 -39.59 30.83 4.09
C VAL C 47 -38.76 30.58 2.85
N TRP C 48 -39.23 31.09 1.71
CA TRP C 48 -38.47 30.92 0.47
C TRP C 48 -37.11 31.59 0.53
N THR C 49 -37.02 32.78 1.11
CA THR C 49 -35.73 33.44 1.27
C THR C 49 -34.77 32.62 2.14
N LEU C 50 -35.27 32.07 3.24
CA LEU C 50 -34.42 31.24 4.09
C LEU C 50 -33.94 30.00 3.35
N THR C 51 -34.82 29.36 2.56
CA THR C 51 -34.39 28.20 1.79
C THR C 51 -33.20 28.52 0.91
N ASN C 52 -33.30 29.59 0.11
CA ASN C 52 -32.24 29.95 -0.82
C ASN C 52 -30.96 30.35 -0.08
N LEU C 53 -31.09 31.15 0.99
CA LEU C 53 -29.91 31.58 1.72
C LEU C 53 -29.19 30.40 2.36
N ILE C 54 -29.93 29.47 2.98
CA ILE C 54 -29.30 28.33 3.63
C ILE C 54 -28.65 27.41 2.59
N HIS C 55 -29.32 27.17 1.48
CA HIS C 55 -28.71 26.33 0.45
C HIS C 55 -27.44 26.94 -0.09
N ASN C 56 -27.45 28.25 -0.36
CA ASN C 56 -26.25 28.91 -0.88
C ASN C 56 -25.11 28.91 0.14
N MET C 57 -25.40 29.17 1.42
CA MET C 57 -24.34 29.13 2.42
C MET C 57 -23.75 27.73 2.56
N GLY C 58 -24.61 26.71 2.58
CA GLY C 58 -24.11 25.35 2.63
C GLY C 58 -23.26 24.96 1.45
N MET C 59 -23.72 25.27 0.23
CA MET C 59 -22.92 24.95 -0.94
C MET C 59 -21.61 25.73 -0.98
N TYR C 60 -21.61 27.01 -0.60
CA TYR C 60 -20.36 27.76 -0.57
C TYR C 60 -19.38 27.15 0.42
N ILE C 61 -19.85 26.78 1.61
CA ILE C 61 -18.96 26.18 2.60
C ILE C 61 -18.41 24.84 2.08
N PHE C 62 -19.27 24.01 1.51
CA PHE C 62 -18.86 22.67 1.13
C PHE C 62 -18.12 22.59 -0.19
N LEU C 63 -18.14 23.65 -0.99
CA LEU C 63 -17.49 23.60 -2.30
C LEU C 63 -16.35 24.59 -2.45
N HIS C 64 -16.27 25.62 -1.60
CA HIS C 64 -15.30 26.69 -1.79
C HIS C 64 -14.62 27.09 -0.49
N THR C 65 -14.71 26.26 0.55
CA THR C 65 -14.06 26.63 1.80
C THR C 65 -13.18 25.51 2.36
N VAL C 66 -13.63 24.27 2.25
CA VAL C 66 -12.91 23.16 2.87
C VAL C 66 -11.90 22.58 1.89
N LYS C 67 -10.62 22.64 2.25
CA LYS C 67 -9.55 22.21 1.36
C LYS C 67 -8.97 20.88 1.84
N GLY C 68 -8.87 19.93 0.94
CA GLY C 68 -8.32 18.62 1.23
C GLY C 68 -9.38 17.53 1.18
N THR C 69 -8.90 16.30 1.34
CA THR C 69 -9.75 15.12 1.33
C THR C 69 -10.05 14.66 2.75
N PRO C 70 -11.26 14.13 2.99
CA PRO C 70 -11.55 13.61 4.33
C PRO C 70 -10.71 12.40 4.69
N PHE C 71 -10.10 11.75 3.71
CA PHE C 71 -9.25 10.59 3.91
C PHE C 71 -7.83 10.92 3.47
N GLU C 72 -6.94 9.94 3.60
CA GLU C 72 -5.55 10.13 3.20
C GLU C 72 -5.45 10.45 1.72
N THR C 73 -4.68 11.48 1.39
CA THR C 73 -4.63 11.99 0.04
C THR C 73 -4.02 10.95 -0.90
N PRO C 74 -4.58 10.79 -2.11
CA PRO C 74 -4.04 9.77 -3.04
C PRO C 74 -2.56 9.97 -3.34
N ASP C 75 -2.20 11.14 -3.87
CA ASP C 75 -0.79 11.46 -4.05
C ASP C 75 -0.22 11.88 -2.70
N GLN C 76 1.05 12.28 -2.69
CA GLN C 76 1.68 12.64 -1.42
C GLN C 76 1.23 14.02 -0.97
N GLY C 77 -0.07 14.20 -0.76
CA GLY C 77 -0.60 15.46 -0.30
C GLY C 77 -0.61 16.56 -1.33
N LYS C 78 -0.96 16.20 -2.57
CA LYS C 78 -0.99 17.15 -3.67
C LYS C 78 -2.33 17.89 -3.80
N ALA C 79 -3.32 17.46 -3.04
CA ALA C 79 -4.65 18.06 -3.07
C ALA C 79 -4.96 18.81 -1.78
N ARG C 80 -3.93 19.13 -0.99
CA ARG C 80 -4.12 19.74 0.30
C ARG C 80 -4.33 21.25 0.24
N LEU C 81 -4.28 21.84 -0.95
CA LEU C 81 -4.45 23.29 -1.10
C LEU C 81 -5.50 23.64 -2.15
N LEU C 82 -6.45 22.75 -2.39
CA LEU C 82 -7.50 22.99 -3.38
C LEU C 82 -8.85 22.64 -2.79
N THR C 83 -9.82 23.52 -2.99
CA THR C 83 -11.18 23.27 -2.56
C THR C 83 -11.82 22.21 -3.45
N HIS C 84 -13.00 21.73 -3.03
CA HIS C 84 -13.63 20.62 -3.73
C HIS C 84 -14.06 21.01 -5.15
N TRP C 85 -14.19 22.31 -5.41
CA TRP C 85 -14.53 22.73 -6.77
C TRP C 85 -13.34 22.67 -7.71
N GLU C 86 -12.13 22.94 -7.22
CA GLU C 86 -10.94 22.96 -8.07
C GLU C 86 -10.50 21.57 -8.48
N GLN C 87 -10.67 20.57 -7.62
CA GLN C 87 -10.26 19.21 -7.93
C GLN C 87 -11.37 18.39 -8.55
N MET C 88 -12.54 18.98 -8.79
CA MET C 88 -13.65 18.23 -9.38
C MET C 88 -13.30 17.85 -10.82
N ASP C 89 -13.36 16.54 -11.10
CA ASP C 89 -13.06 16.02 -12.43
C ASP C 89 -11.67 16.45 -12.91
N TYR C 90 -10.72 16.45 -11.97
CA TYR C 90 -9.32 16.76 -12.25
C TYR C 90 -9.15 18.18 -12.81
N GLY C 91 -10.01 19.10 -12.39
CA GLY C 91 -9.90 20.47 -12.79
C GLY C 91 -10.32 20.77 -14.21
N VAL C 92 -10.90 19.79 -14.91
CA VAL C 92 -11.31 19.99 -16.30
C VAL C 92 -12.66 20.70 -16.32
N GLN C 93 -12.73 21.83 -17.00
CA GLN C 93 -13.90 22.68 -16.90
C GLN C 93 -15.04 22.20 -17.79
N PHE C 94 -16.25 22.58 -17.41
CA PHE C 94 -17.49 22.31 -18.17
C PHE C 94 -17.67 20.80 -18.41
N THR C 95 -17.66 20.07 -17.30
CA THR C 95 -18.02 18.66 -17.34
C THR C 95 -19.53 18.62 -17.17
N ALA C 96 -20.16 17.45 -17.15
CA ALA C 96 -21.59 17.33 -16.94
C ALA C 96 -22.03 17.82 -15.57
N SER C 97 -21.28 17.52 -14.51
CA SER C 97 -21.67 17.91 -13.17
C SER C 97 -21.44 19.39 -12.89
N ARG C 98 -20.40 19.98 -13.47
CA ARG C 98 -20.11 21.39 -13.22
C ARG C 98 -21.10 22.31 -13.90
N LYS C 99 -21.86 21.81 -14.88
CA LYS C 99 -22.97 22.56 -15.46
C LYS C 99 -24.21 22.50 -14.57
N PHE C 100 -24.50 21.31 -14.04
CA PHE C 100 -25.63 21.13 -13.15
C PHE C 100 -25.47 21.95 -11.87
N LEU C 101 -24.28 21.91 -11.28
CA LEU C 101 -24.03 22.64 -10.04
C LEU C 101 -24.05 24.16 -10.22
N THR C 102 -23.95 24.65 -11.46
CA THR C 102 -24.10 26.07 -11.71
C THR C 102 -25.51 26.46 -12.09
N ILE C 103 -26.20 25.66 -12.89
CA ILE C 103 -27.59 25.95 -13.22
C ILE C 103 -28.53 25.84 -12.02
N THR C 104 -28.28 24.91 -11.09
CA THR C 104 -29.21 24.72 -9.99
C THR C 104 -29.44 25.97 -9.14
N PRO C 105 -28.40 26.64 -8.63
CA PRO C 105 -28.66 27.84 -7.80
C PRO C 105 -29.18 29.02 -8.59
N ILE C 106 -29.12 29.00 -9.91
CA ILE C 106 -29.77 30.03 -10.71
C ILE C 106 -31.26 29.76 -10.86
N VAL C 107 -31.64 28.53 -11.19
CA VAL C 107 -33.05 28.17 -11.25
C VAL C 107 -33.72 28.33 -9.90
N LEU C 108 -33.03 28.01 -8.81
CA LEU C 108 -33.58 28.19 -7.48
C LEU C 108 -33.76 29.67 -7.12
N TYR C 109 -33.13 30.58 -7.86
CA TYR C 109 -33.26 32.01 -7.62
C TYR C 109 -34.50 32.60 -8.26
N PHE C 110 -34.90 32.12 -9.44
CA PHE C 110 -36.13 32.58 -10.06
C PHE C 110 -37.36 32.27 -9.22
N LEU C 111 -37.43 31.07 -8.64
CA LEU C 111 -38.57 30.72 -7.81
C LEU C 111 -38.67 31.60 -6.58
N THR C 112 -37.57 31.90 -5.92
CA THR C 112 -37.62 32.75 -4.73
C THR C 112 -37.78 34.22 -5.08
N SER C 113 -37.42 34.64 -6.29
CA SER C 113 -37.79 35.99 -6.71
C SER C 113 -39.28 36.08 -7.00
N PHE C 114 -39.85 35.05 -7.62
CA PHE C 114 -41.25 35.06 -7.99
C PHE C 114 -42.20 34.88 -6.80
N TYR C 115 -41.89 33.98 -5.88
CA TYR C 115 -42.79 33.74 -4.76
C TYR C 115 -42.78 34.86 -3.73
N THR C 116 -41.81 35.78 -3.83
CA THR C 116 -41.77 36.95 -2.95
C THR C 116 -42.45 38.16 -3.59
N LYS C 117 -43.10 37.94 -4.73
CA LYS C 117 -43.79 39.02 -5.42
C LYS C 117 -42.84 40.15 -5.76
N TYR C 118 -41.58 39.80 -6.02
CA TYR C 118 -40.52 40.76 -6.35
C TYR C 118 -40.40 41.91 -5.36
N ASP C 119 -40.49 41.62 -4.07
CA ASP C 119 -40.38 42.67 -3.06
C ASP C 119 -39.01 43.33 -3.11
N GLN C 120 -38.98 44.64 -2.89
CA GLN C 120 -37.74 45.40 -2.95
C GLN C 120 -36.69 45.02 -1.92
N ILE C 121 -37.12 44.51 -0.77
CA ILE C 121 -36.17 44.13 0.28
C ILE C 121 -35.71 42.68 0.18
N HIS C 122 -36.44 41.89 -0.61
CA HIS C 122 -36.11 40.47 -0.79
C HIS C 122 -35.31 40.25 -2.07
N PHE C 123 -34.74 41.32 -2.61
CA PHE C 123 -33.95 41.24 -3.82
C PHE C 123 -32.51 41.63 -3.53
N VAL C 124 -32.30 42.28 -2.37
CA VAL C 124 -30.97 42.70 -1.97
C VAL C 124 -30.31 41.64 -1.11
N LEU C 125 -31.02 40.55 -0.86
CA LEU C 125 -30.50 39.45 -0.06
C LEU C 125 -30.20 38.25 -0.95
N ASN C 126 -31.13 37.92 -1.83
CA ASN C 126 -30.98 36.80 -2.75
C ASN C 126 -29.93 37.09 -3.80
N THR C 127 -29.89 38.32 -4.32
CA THR C 127 -28.89 38.66 -5.32
C THR C 127 -27.49 38.58 -4.77
N VAL C 128 -27.30 39.11 -3.56
CA VAL C 128 -25.99 39.09 -2.91
C VAL C 128 -25.59 37.67 -2.56
N SER C 129 -26.59 36.80 -2.42
CA SER C 129 -26.34 35.40 -2.10
C SER C 129 -26.00 34.62 -3.34
N LEU C 130 -26.77 34.82 -4.40
CA LEU C 130 -26.54 34.13 -5.66
C LEU C 130 -25.20 34.49 -6.28
N MET C 131 -24.82 35.76 -6.14
CA MET C 131 -23.55 36.23 -6.70
C MET C 131 -22.36 35.61 -5.99
N SER C 132 -22.50 35.35 -4.69
CA SER C 132 -21.42 34.78 -3.89
C SER C 132 -21.14 33.31 -4.23
N VAL C 133 -22.13 32.62 -4.77
CA VAL C 133 -21.97 31.22 -5.14
C VAL C 133 -21.84 31.08 -6.64
N LEU C 134 -21.65 32.20 -7.33
CA LEU C 134 -21.51 32.20 -8.78
C LEU C 134 -20.14 32.73 -9.19
N ILE C 135 -19.66 33.72 -8.45
CA ILE C 135 -18.36 34.33 -8.75
C ILE C 135 -17.22 33.33 -8.73
N PRO C 136 -17.17 32.47 -7.70
CA PRO C 136 -16.13 31.45 -7.55
C PRO C 136 -16.16 30.32 -8.57
N LYS C 137 -17.29 30.13 -9.24
CA LYS C 137 -17.44 29.07 -10.24
C LYS C 137 -16.84 29.41 -11.60
N LEU C 138 -16.40 30.66 -11.79
CA LEU C 138 -15.81 31.09 -13.05
C LEU C 138 -14.47 30.40 -13.26
N PRO C 139 -14.08 30.21 -14.53
CA PRO C 139 -12.82 29.57 -14.91
C PRO C 139 -11.57 30.41 -14.58
N GLN C 140 -11.73 31.71 -14.41
CA GLN C 140 -10.62 32.59 -14.10
C GLN C 140 -10.21 32.54 -12.63
N LEU C 141 -11.17 32.27 -11.76
CA LEU C 141 -10.89 32.21 -10.33
C LEU C 141 -10.57 30.80 -9.84
N HIS C 142 -10.00 29.99 -10.71
CA HIS C 142 -9.65 28.63 -10.34
C HIS C 142 -8.23 28.55 -9.82
N GLY C 143 -8.08 28.71 -8.51
CA GLY C 143 -6.77 28.63 -7.88
C GLY C 143 -6.32 29.95 -7.28
N VAL C 144 -7.15 30.97 -7.42
CA VAL C 144 -6.82 32.29 -6.88
C VAL C 144 -7.37 32.45 -5.46
N ARG C 145 -6.63 33.17 -4.63
CA ARG C 145 -7.04 33.41 -3.26
C ARG C 145 -6.98 34.90 -2.96
N ILE C 146 -8.13 35.54 -2.81
CA ILE C 146 -8.19 36.96 -2.52
C ILE C 146 -7.38 37.27 -1.27
N PHE C 147 -6.55 38.30 -1.34
CA PHE C 147 -5.70 38.70 -0.22
C PHE C 147 -4.90 37.52 0.33
N GLY C 148 -5.47 36.84 1.33
CA GLY C 148 -4.84 35.69 1.93
C GLY C 148 -5.84 34.82 2.66
N ILE C 149 -7.12 35.16 2.53
CA ILE C 149 -8.18 34.41 3.18
C ILE C 149 -8.11 32.94 2.82
N ASN C 150 -7.85 32.10 3.82
CA ASN C 150 -7.75 30.65 3.64
C ASN C 150 -6.83 30.29 2.49
N LYS C 151 -5.55 30.60 2.64
CA LYS C 151 -4.55 30.30 1.61
C LYS C 151 -3.84 28.99 1.93
N TYR C 152 -3.57 28.77 3.21
CA TYR C 152 -2.89 27.56 3.65
C TYR C 152 -3.74 26.79 4.67
N ALA D 30 -46.80 -10.53 15.76
CA ALA D 30 -47.16 -9.11 15.87
C ALA D 30 -46.00 -8.30 16.42
N TRP D 31 -45.78 -8.41 17.74
CA TRP D 31 -44.67 -7.68 18.36
C TRP D 31 -43.33 -8.13 17.80
N LYS D 32 -43.14 -9.45 17.66
CA LYS D 32 -41.89 -9.95 17.10
C LYS D 32 -41.71 -9.46 15.67
N GLN D 33 -42.80 -9.46 14.89
CA GLN D 33 -42.74 -8.96 13.52
C GLN D 33 -42.62 -7.44 13.47
N MET D 34 -43.06 -6.75 14.52
CA MET D 34 -42.89 -5.30 14.57
C MET D 34 -41.46 -4.92 14.92
N SER D 35 -40.76 -5.76 15.68
CA SER D 35 -39.36 -5.47 16.01
C SER D 35 -38.48 -5.54 14.76
N TRP D 36 -38.82 -6.40 13.81
CA TRP D 36 -38.04 -6.48 12.58
C TRP D 36 -38.10 -5.18 11.79
N PHE D 37 -39.21 -4.47 11.85
CA PHE D 37 -39.30 -3.21 11.13
C PHE D 37 -38.42 -2.13 11.76
N TYR D 38 -38.33 -2.10 13.08
CA TYR D 38 -37.39 -1.20 13.72
C TYR D 38 -35.95 -1.59 13.37
N TYR D 39 -35.68 -2.89 13.29
CA TYR D 39 -34.36 -3.34 12.89
C TYR D 39 -34.02 -2.85 11.48
N GLN D 40 -34.97 -2.95 10.56
CA GLN D 40 -34.74 -2.48 9.20
C GLN D 40 -34.61 -0.96 9.14
N TYR D 41 -35.35 -0.25 9.97
CA TYR D 41 -35.21 1.20 10.06
C TYR D 41 -33.84 1.61 10.59
N LEU D 42 -33.26 0.83 11.50
CA LEU D 42 -31.94 1.12 12.03
C LEU D 42 -30.82 0.99 11.01
N LEU D 43 -30.96 0.12 10.00
CA LEU D 43 -29.91 -0.08 9.02
C LEU D 43 -29.95 0.92 7.87
N VAL D 44 -31.14 1.37 7.48
CA VAL D 44 -31.25 2.30 6.35
C VAL D 44 -30.66 3.66 6.71
N THR D 45 -30.96 4.16 7.91
CA THR D 45 -30.51 5.47 8.35
C THR D 45 -29.15 5.45 9.01
N ALA D 46 -28.48 4.30 9.02
CA ALA D 46 -27.14 4.14 9.59
C ALA D 46 -27.10 4.46 11.08
N LEU D 47 -28.26 4.36 11.72
CA LEU D 47 -28.34 4.49 13.16
C LEU D 47 -27.88 3.25 13.90
N TYR D 48 -27.70 2.14 13.18
CA TYR D 48 -27.25 0.90 13.81
C TYR D 48 -25.87 1.08 14.44
N MET D 49 -24.96 1.73 13.73
CA MET D 49 -23.59 1.93 14.21
C MET D 49 -23.41 3.28 14.88
N LEU D 50 -24.25 3.59 15.87
CA LEU D 50 -24.13 4.83 16.64
C LEU D 50 -24.26 4.53 18.12
N GLU D 51 -23.71 5.42 18.94
CA GLU D 51 -23.80 5.27 20.38
C GLU D 51 -25.25 5.49 20.83
N PRO D 52 -25.64 4.90 21.96
CA PRO D 52 -27.04 5.07 22.42
C PRO D 52 -27.44 6.52 22.66
N TRP D 53 -26.54 7.35 23.17
CA TRP D 53 -26.90 8.76 23.37
C TRP D 53 -27.05 9.51 22.06
N GLU D 54 -26.45 9.02 20.98
CA GLU D 54 -26.63 9.62 19.67
C GLU D 54 -27.91 9.18 18.99
N ARG D 55 -28.51 8.08 19.42
CA ARG D 55 -29.78 7.64 18.86
C ARG D 55 -30.93 8.51 19.36
N THR D 56 -30.89 8.86 20.65
CA THR D 56 -31.95 9.65 21.25
C THR D 56 -32.06 11.02 20.60
N VAL D 57 -30.91 11.64 20.31
CA VAL D 57 -30.91 12.95 19.66
C VAL D 57 -31.60 12.88 18.32
N PHE D 58 -31.25 11.90 17.49
CA PHE D 58 -31.84 11.79 16.18
C PHE D 58 -33.32 11.47 16.26
N ASN D 59 -33.71 10.56 17.15
CA ASN D 59 -35.12 10.20 17.26
C ASN D 59 -35.96 11.39 17.70
N SER D 60 -35.48 12.14 18.70
CA SER D 60 -36.22 13.30 19.16
C SER D 60 -36.30 14.37 18.07
N MET D 61 -35.18 14.63 17.40
CA MET D 61 -35.14 15.65 16.35
C MET D 61 -35.96 15.26 15.13
N LEU D 62 -36.26 13.98 14.95
CA LEU D 62 -37.14 13.55 13.88
C LEU D 62 -38.61 13.52 14.28
N VAL D 63 -38.91 13.17 15.53
CA VAL D 63 -40.30 13.22 16.00
C VAL D 63 -40.79 14.65 16.12
N SER D 64 -39.93 15.59 16.54
CA SER D 64 -40.36 16.98 16.69
C SER D 64 -40.75 17.58 15.35
N ILE D 65 -39.99 17.28 14.30
CA ILE D 65 -40.29 17.84 12.98
C ILE D 65 -41.66 17.38 12.50
N VAL D 66 -41.94 16.08 12.61
CA VAL D 66 -43.25 15.56 12.24
C VAL D 66 -44.35 16.13 13.12
N GLY D 67 -44.12 16.24 14.43
CA GLY D 67 -45.14 16.79 15.31
C GLY D 67 -45.50 18.23 15.00
N MET D 68 -44.51 19.06 14.66
CA MET D 68 -44.79 20.43 14.27
C MET D 68 -45.21 20.54 12.81
N ALA D 69 -45.11 19.47 12.04
CA ALA D 69 -45.65 19.48 10.68
C ALA D 69 -47.13 19.09 10.63
N LEU D 70 -47.72 18.72 11.76
CA LEU D 70 -49.16 18.47 11.80
C LEU D 70 -49.92 19.66 12.40
N TYR D 71 -49.33 20.32 13.39
CA TYR D 71 -49.93 21.53 13.93
C TYR D 71 -50.07 22.60 12.85
N THR D 72 -49.02 22.80 12.06
CA THR D 72 -49.07 23.75 10.97
C THR D 72 -50.08 23.31 9.91
N GLY D 73 -50.11 22.02 9.58
CA GLY D 73 -51.06 21.54 8.59
C GLY D 73 -52.50 21.76 9.03
N TYR D 74 -52.77 21.58 10.32
CA TYR D 74 -54.12 21.77 10.80
C TYR D 74 -54.50 23.24 10.88
N VAL D 75 -53.58 24.11 11.31
CA VAL D 75 -53.91 25.53 11.41
C VAL D 75 -53.95 26.20 10.04
N PHE D 76 -53.39 25.57 9.01
CA PHE D 76 -53.44 26.11 7.66
C PHE D 76 -54.50 25.40 6.80
N MET D 77 -55.46 24.74 7.43
CA MET D 77 -56.61 24.18 6.72
C MET D 77 -57.91 24.60 7.40
N ASP E 1 -7.47 18.51 -39.05
CA ASP E 1 -6.02 18.42 -38.95
C ASP E 1 -5.59 16.97 -38.77
N LEU E 2 -4.47 16.60 -39.39
CA LEU E 2 -3.92 15.25 -39.27
C LEU E 2 -4.93 14.19 -39.72
N THR E 3 -5.21 14.15 -41.02
CA THR E 3 -6.19 13.24 -41.57
C THR E 3 -5.79 11.78 -41.34
N VAL E 4 -6.69 10.85 -41.64
CA VAL E 4 -6.53 9.45 -41.26
C VAL E 4 -5.43 8.74 -42.05
N LYS E 5 -4.84 9.41 -43.04
CA LYS E 5 -3.68 8.85 -43.73
C LYS E 5 -2.36 9.27 -43.11
N GLU E 6 -2.23 10.55 -42.74
CA GLU E 6 -1.07 10.97 -41.97
C GLU E 6 -0.98 10.23 -40.64
N LYS E 7 -2.12 10.02 -40.00
CA LYS E 7 -2.14 9.34 -38.70
C LYS E 7 -1.65 7.91 -38.81
N GLU E 8 -2.01 7.20 -39.88
CA GLU E 8 -1.57 5.83 -40.08
C GLU E 8 -0.16 5.75 -40.67
N GLU E 9 0.31 6.80 -41.32
CA GLU E 9 1.70 6.84 -41.78
C GLU E 9 2.65 7.12 -40.64
N LEU E 10 2.22 7.87 -39.63
CA LEU E 10 3.05 8.11 -38.45
C LEU E 10 3.15 6.89 -37.54
N ILE E 11 2.16 5.99 -37.58
CA ILE E 11 2.17 4.81 -36.71
C ILE E 11 3.05 3.70 -37.25
N GLU E 12 3.22 3.60 -38.56
CA GLU E 12 4.03 2.57 -39.18
C GLU E 12 5.51 2.88 -39.15
N GLU E 13 5.89 4.12 -38.84
CA GLU E 13 7.28 4.55 -38.87
C GLU E 13 7.96 4.52 -37.50
N TRP E 14 7.18 4.53 -36.41
CA TRP E 14 7.76 4.58 -35.08
C TRP E 14 8.56 3.32 -34.77
N GLN E 15 9.65 3.49 -34.02
CA GLN E 15 10.50 2.37 -33.62
C GLN E 15 10.95 2.51 -32.18
N PRO E 16 10.50 1.64 -31.29
CA PRO E 16 10.89 1.75 -29.88
C PRO E 16 12.25 1.14 -29.62
N GLU E 17 12.87 1.60 -28.54
CA GLU E 17 14.10 1.00 -28.08
C GLU E 17 13.82 -0.37 -27.47
N PRO E 18 14.77 -1.30 -27.53
CA PRO E 18 14.55 -2.61 -26.93
C PRO E 18 14.40 -2.51 -25.42
N LEU E 19 13.70 -3.50 -24.85
CA LEU E 19 13.34 -3.44 -23.44
C LEU E 19 14.57 -3.48 -22.54
N VAL E 20 15.64 -4.13 -22.98
CA VAL E 20 16.87 -4.18 -22.22
C VAL E 20 18.04 -3.81 -23.11
N PRO E 21 18.97 -2.98 -22.64
CA PRO E 21 20.11 -2.58 -23.48
C PRO E 21 21.05 -3.74 -23.70
N PRO E 22 21.61 -3.86 -24.90
CA PRO E 22 22.66 -4.86 -25.13
C PRO E 22 23.87 -4.58 -24.27
N VAL E 23 24.56 -5.65 -23.87
CA VAL E 23 25.76 -5.53 -23.04
C VAL E 23 26.88 -4.82 -23.78
N PRO E 24 27.17 -3.56 -23.40
CA PRO E 24 28.22 -2.74 -24.01
C PRO E 24 29.61 -3.21 -23.61
N LYS E 25 29.71 -3.89 -22.47
CA LYS E 25 30.98 -4.40 -21.98
C LYS E 25 30.76 -5.49 -20.95
N ASP E 26 31.79 -6.29 -20.70
CA ASP E 26 31.70 -7.38 -19.72
C ASP E 26 31.60 -6.81 -18.31
N HIS E 27 30.42 -6.92 -17.72
CA HIS E 27 30.17 -6.41 -16.38
C HIS E 27 31.07 -7.03 -15.32
N PRO E 28 31.36 -6.24 -14.29
CA PRO E 28 32.20 -6.67 -13.18
C PRO E 28 31.56 -7.81 -12.39
N ALA E 29 30.24 -7.78 -12.26
CA ALA E 29 29.51 -8.81 -11.52
C ALA E 29 29.17 -10.00 -12.42
N LEU E 30 27.89 -10.36 -12.44
CA LEU E 30 27.40 -11.47 -13.24
C LEU E 30 28.22 -12.74 -13.06
N ASN E 31 28.47 -13.11 -11.81
CA ASN E 31 29.25 -14.29 -11.50
C ASN E 31 28.97 -14.74 -10.06
N TYR E 32 27.71 -14.67 -9.67
CA TYR E 32 27.30 -15.04 -8.32
C TYR E 32 28.05 -16.29 -7.87
N ASN E 33 28.86 -16.15 -6.83
CA ASN E 33 29.58 -17.29 -6.29
C ASN E 33 28.62 -18.19 -5.51
N ILE E 34 28.54 -19.46 -5.90
CA ILE E 34 27.60 -20.39 -5.29
C ILE E 34 28.15 -20.84 -3.95
N VAL E 35 27.26 -21.00 -2.97
CA VAL E 35 27.61 -21.45 -1.63
C VAL E 35 26.94 -22.80 -1.42
N SER E 36 27.74 -23.83 -1.16
CA SER E 36 27.23 -25.18 -0.96
C SER E 36 27.00 -25.41 0.53
N GLY E 37 25.73 -25.55 0.92
CA GLY E 37 25.38 -25.69 2.31
C GLY E 37 25.01 -24.37 2.95
N PRO E 38 24.95 -24.33 4.27
CA PRO E 38 24.60 -23.10 4.97
C PRO E 38 25.79 -22.16 5.02
N PRO E 39 25.56 -20.85 4.97
CA PRO E 39 26.67 -19.89 5.10
C PRO E 39 27.12 -19.72 6.54
N SER E 40 27.62 -20.81 7.11
CA SER E 40 27.98 -20.82 8.53
C SER E 40 29.43 -20.41 8.74
N HIS E 41 29.94 -20.66 9.95
CA HIS E 41 31.31 -20.27 10.29
C HIS E 41 32.32 -20.89 9.35
N LYS E 42 32.14 -22.17 9.01
CA LYS E 42 33.04 -22.89 8.12
C LYS E 42 32.25 -23.29 6.89
N THR E 43 32.24 -22.41 5.89
CA THR E 43 31.40 -22.61 4.71
C THR E 43 32.22 -23.24 3.57
N VAL E 44 31.55 -23.46 2.44
CA VAL E 44 32.19 -23.97 1.23
C VAL E 44 31.74 -23.10 0.06
N VAL E 45 32.64 -22.28 -0.46
CA VAL E 45 32.31 -21.33 -1.52
C VAL E 45 33.05 -21.72 -2.79
N ASN E 46 32.29 -21.91 -3.87
CA ASN E 46 32.83 -22.30 -5.17
C ASN E 46 33.66 -23.58 -5.06
N GLY E 47 33.15 -24.51 -4.26
CA GLY E 47 33.79 -25.79 -4.06
C GLY E 47 35.12 -25.70 -3.33
N LYS E 48 35.24 -24.77 -2.38
CA LYS E 48 36.44 -24.63 -1.58
C LYS E 48 36.03 -24.36 -0.15
N GLU E 49 36.70 -25.02 0.79
CA GLU E 49 36.44 -24.85 2.21
C GLU E 49 37.20 -23.63 2.71
N CYS E 50 36.47 -22.68 3.30
CA CYS E 50 37.09 -21.44 3.73
C CYS E 50 36.24 -20.78 4.81
N ILE E 51 36.92 -20.16 5.77
CA ILE E 51 36.25 -19.35 6.78
C ILE E 51 35.70 -18.09 6.15
N ASN E 52 34.50 -17.69 6.53
CA ASN E 52 33.87 -16.52 5.94
C ASN E 52 34.06 -15.30 6.84
N PHE E 53 34.36 -14.17 6.22
CA PHE E 53 34.37 -12.87 6.86
C PHE E 53 33.40 -11.95 6.13
N ALA E 54 32.30 -12.52 5.66
CA ALA E 54 31.37 -11.82 4.78
C ALA E 54 29.93 -11.83 5.26
N SER E 55 29.49 -12.84 5.98
CA SER E 55 28.11 -12.89 6.44
C SER E 55 27.89 -11.96 7.62
N PHE E 56 26.65 -11.51 7.78
CA PHE E 56 26.29 -10.47 8.74
C PHE E 56 25.64 -11.03 10.00
N ASN E 57 25.99 -12.23 10.45
CA ASN E 57 25.46 -12.73 11.73
C ASN E 57 26.50 -12.48 12.83
N PHE E 58 26.38 -11.29 13.45
CA PHE E 58 27.38 -10.86 14.42
C PHE E 58 27.36 -11.72 15.68
N LEU E 59 26.25 -12.38 15.97
CA LEU E 59 26.09 -13.09 17.23
C LEU E 59 26.00 -14.59 17.03
N GLY E 60 26.37 -15.09 15.86
CA GLY E 60 26.08 -16.47 15.53
C GLY E 60 24.59 -16.64 15.33
N LEU E 61 23.97 -17.52 16.13
CA LEU E 61 22.52 -17.67 16.19
C LEU E 61 21.92 -18.25 14.92
N LEU E 62 22.73 -18.45 13.88
CA LEU E 62 22.20 -19.01 12.64
C LEU E 62 22.28 -20.52 12.67
N ASP E 63 23.29 -21.07 13.35
CA ASP E 63 23.41 -22.49 13.62
C ASP E 63 23.36 -22.78 15.11
N ASN E 64 22.47 -22.09 15.81
CA ASN E 64 22.22 -22.36 17.22
C ASN E 64 21.13 -23.41 17.36
N PRO E 65 21.40 -24.54 18.00
CA PRO E 65 20.37 -25.59 18.10
C PRO E 65 19.11 -25.11 18.81
N ARG E 66 19.30 -24.25 19.81
CA ARG E 66 18.19 -23.72 20.58
C ARG E 66 17.25 -22.89 19.73
N VAL E 67 17.80 -22.19 18.74
CA VAL E 67 16.98 -21.36 17.87
C VAL E 67 16.25 -22.19 16.82
N LYS E 68 16.87 -23.26 16.33
CA LYS E 68 16.23 -24.13 15.36
C LYS E 68 15.14 -24.99 15.99
N ALA E 69 15.34 -25.41 17.23
CA ALA E 69 14.29 -26.15 17.94
C ALA E 69 13.04 -25.30 18.16
N ALA E 70 13.22 -24.00 18.42
CA ALA E 70 12.09 -23.10 18.62
C ALA E 70 11.39 -22.73 17.33
N ALA E 71 12.00 -23.00 16.18
CA ALA E 71 11.35 -22.75 14.90
C ALA E 71 10.67 -24.01 14.37
N LEU E 72 11.23 -25.18 14.65
CA LEU E 72 10.59 -26.43 14.23
C LEU E 72 9.23 -26.61 14.90
N ALA E 73 9.13 -26.29 16.20
CA ALA E 73 7.88 -26.45 16.91
C ALA E 73 6.79 -25.57 16.31
N SER E 74 7.11 -24.33 15.96
CA SER E 74 6.14 -23.45 15.33
C SER E 74 5.90 -23.79 13.87
N LEU E 75 6.83 -24.50 13.22
CA LEU E 75 6.56 -25.05 11.91
C LEU E 75 5.54 -26.18 11.92
N LYS E 76 5.64 -27.09 12.89
CA LYS E 76 4.75 -28.25 12.93
C LYS E 76 3.44 -27.94 13.62
N LYS E 77 3.09 -26.66 13.76
CA LYS E 77 1.85 -26.29 14.43
C LYS E 77 1.08 -25.29 13.59
N TYR E 78 1.78 -24.54 12.75
CA TYR E 78 1.18 -23.45 12.00
C TYR E 78 1.28 -23.59 10.49
N GLY E 79 2.09 -24.52 9.98
CA GLY E 79 2.36 -24.56 8.56
C GLY E 79 3.57 -23.72 8.22
N VAL E 80 3.68 -23.27 6.97
CA VAL E 80 4.86 -22.51 6.56
C VAL E 80 4.52 -21.04 6.41
N GLY E 81 3.57 -20.73 5.53
CA GLY E 81 3.29 -19.34 5.21
C GLY E 81 1.86 -18.97 5.57
N THR E 82 1.70 -17.71 5.94
CA THR E 82 0.38 -17.13 6.10
C THR E 82 -0.30 -17.04 4.73
N CYS E 83 -1.59 -16.76 4.74
CA CYS E 83 -2.34 -16.65 3.50
C CYS E 83 -3.17 -15.37 3.47
N GLY E 84 -2.62 -14.28 4.00
CA GLY E 84 -3.36 -13.04 4.04
C GLY E 84 -2.55 -11.86 4.50
N PRO E 85 -3.01 -10.66 4.17
CA PRO E 85 -2.24 -9.45 4.47
C PRO E 85 -2.47 -8.81 5.83
N ARG E 86 -2.33 -9.59 6.89
CA ARG E 86 -2.42 -9.10 8.27
C ARG E 86 -3.65 -8.30 8.65
N GLY E 87 -4.53 -8.09 7.71
CA GLY E 87 -5.75 -7.35 7.93
C GLY E 87 -6.95 -8.12 7.45
N PHE E 88 -6.69 -9.25 6.78
CA PHE E 88 -7.69 -10.23 6.41
C PHE E 88 -7.19 -11.58 6.93
N TYR E 89 -7.43 -11.85 8.21
CA TYR E 89 -7.10 -13.15 8.81
C TYR E 89 -5.65 -13.54 8.58
N GLY E 90 -4.78 -12.53 8.55
CA GLY E 90 -3.37 -12.77 8.31
C GLY E 90 -2.51 -12.60 9.55
N THR E 91 -3.12 -12.11 10.62
CA THR E 91 -2.42 -11.89 11.87
C THR E 91 -2.61 -13.10 12.78
N PHE E 92 -1.50 -13.70 13.20
CA PHE E 92 -1.53 -14.85 14.08
C PHE E 92 -1.41 -14.37 15.52
N ASP E 93 -1.22 -15.30 16.44
CA ASP E 93 -0.96 -14.96 17.83
C ASP E 93 0.52 -15.01 18.18
N VAL E 94 1.38 -15.18 17.19
CA VAL E 94 2.82 -15.13 17.41
C VAL E 94 3.32 -13.75 17.01
N HIS E 95 2.65 -13.14 16.03
CA HIS E 95 2.98 -11.78 15.64
C HIS E 95 2.73 -10.81 16.79
N LEU E 96 1.62 -10.96 17.50
CA LEU E 96 1.34 -10.11 18.65
C LEU E 96 2.37 -10.31 19.75
N ASP E 97 2.77 -11.56 20.00
CA ASP E 97 3.78 -11.83 21.01
C ASP E 97 5.13 -11.22 20.64
N LEU E 98 5.55 -11.32 19.38
CA LEU E 98 6.80 -10.71 18.97
C LEU E 98 6.75 -9.19 19.07
N GLU E 99 5.64 -8.58 18.63
CA GLU E 99 5.49 -7.13 18.75
C GLU E 99 5.45 -6.66 20.20
N ASP E 100 4.92 -7.48 21.10
CA ASP E 100 4.92 -7.14 22.52
C ASP E 100 6.28 -7.33 23.15
N ARG E 101 7.04 -8.29 22.64
CA ARG E 101 8.37 -8.63 23.14
C ARG E 101 9.45 -7.64 22.72
N LEU E 102 9.34 -7.10 21.51
CA LEU E 102 10.32 -6.14 21.01
C LEU E 102 10.24 -4.82 21.78
N ALA E 103 9.03 -4.35 22.07
CA ALA E 103 8.87 -3.11 22.81
C ALA E 103 9.44 -3.21 24.22
N LYS E 104 9.30 -4.39 24.83
CA LYS E 104 9.83 -4.61 26.16
C LYS E 104 11.35 -4.63 26.11
N PHE E 105 11.91 -5.18 25.04
CA PHE E 105 13.37 -5.20 24.89
C PHE E 105 13.93 -3.80 24.73
N MET E 106 13.27 -2.98 23.90
CA MET E 106 13.75 -1.63 23.67
C MET E 106 13.29 -0.63 24.71
N LYS E 107 12.44 -1.06 25.66
CA LYS E 107 11.94 -0.19 26.72
C LYS E 107 11.13 0.98 26.15
N THR E 108 10.61 0.79 24.95
CA THR E 108 9.81 1.80 24.26
C THR E 108 8.34 1.51 24.54
N GLU E 109 7.39 2.10 23.81
CA GLU E 109 5.98 1.98 24.14
C GLU E 109 5.26 0.98 23.25
N GLU E 110 5.61 0.94 21.96
CA GLU E 110 4.97 0.04 21.02
C GLU E 110 5.96 -0.36 19.94
N ALA E 111 5.57 -1.34 19.13
CA ALA E 111 6.40 -1.82 18.04
C ALA E 111 5.50 -2.28 16.90
N ILE E 112 6.03 -2.29 15.69
CA ILE E 112 5.36 -2.81 14.51
C ILE E 112 6.40 -3.56 13.69
N ILE E 113 6.04 -4.74 13.18
CA ILE E 113 6.98 -5.60 12.46
C ILE E 113 6.54 -5.71 11.01
N TYR E 114 7.50 -5.65 10.10
CA TYR E 114 7.28 -5.86 8.68
C TYR E 114 7.82 -7.24 8.29
N SER E 115 7.52 -7.64 7.06
CA SER E 115 7.93 -8.95 6.57
C SER E 115 9.14 -8.87 5.64
N TYR E 116 9.81 -7.73 5.57
CA TYR E 116 10.94 -7.57 4.67
C TYR E 116 11.80 -6.42 5.17
N GLY E 117 13.10 -6.65 5.29
CA GLY E 117 13.97 -5.66 5.87
C GLY E 117 14.18 -4.41 5.06
N PHE E 118 14.04 -4.47 3.74
CA PHE E 118 14.19 -3.30 2.89
C PHE E 118 12.98 -2.39 2.95
N ALA E 119 11.78 -2.93 3.10
CA ALA E 119 10.54 -2.17 3.00
C ALA E 119 10.11 -1.54 4.30
N THR E 120 10.82 -1.77 5.41
CA THR E 120 10.41 -1.20 6.68
C THR E 120 10.72 0.28 6.78
N ILE E 121 11.83 0.74 6.17
CA ILE E 121 12.19 2.15 6.22
C ILE E 121 11.86 2.87 4.93
N ALA E 122 11.61 2.15 3.84
CA ALA E 122 11.10 2.73 2.61
C ALA E 122 9.58 2.90 2.64
N SER E 123 8.91 2.36 3.66
CA SER E 123 7.48 2.57 3.85
C SER E 123 7.15 3.45 5.04
N ALA E 124 8.09 3.66 5.96
CA ALA E 124 7.85 4.51 7.12
C ALA E 124 8.05 5.98 6.81
N ILE E 125 9.10 6.33 6.08
CA ILE E 125 9.38 7.75 5.81
C ILE E 125 8.28 8.41 5.00
N PRO E 126 7.80 7.84 3.88
CA PRO E 126 6.72 8.50 3.15
C PRO E 126 5.37 8.53 3.86
N ALA E 127 5.23 7.83 4.98
CA ALA E 127 4.00 7.87 5.76
C ALA E 127 3.89 9.10 6.64
N TYR E 128 5.00 9.75 6.97
CA TYR E 128 5.00 10.95 7.80
C TYR E 128 5.41 12.20 7.04
N SER E 129 6.22 12.05 6.00
CA SER E 129 6.67 13.18 5.20
C SER E 129 5.82 13.31 3.94
N LYS E 130 5.49 14.54 3.60
CA LYS E 130 4.57 14.80 2.48
C LYS E 130 5.09 15.90 1.57
N ARG E 131 4.22 16.42 0.71
CA ARG E 131 4.65 17.27 -0.41
C ARG E 131 5.41 18.51 0.08
N GLY E 132 4.83 19.27 0.98
CA GLY E 132 5.46 20.49 1.44
C GLY E 132 6.24 20.36 2.72
N ASP E 133 7.23 19.47 2.75
CA ASP E 133 8.00 19.22 3.96
C ASP E 133 9.47 19.30 3.63
N ILE E 134 10.29 19.56 4.64
CA ILE E 134 11.74 19.70 4.48
C ILE E 134 12.42 18.59 5.26
N VAL E 135 13.34 17.89 4.61
CA VAL E 135 14.06 16.78 5.25
C VAL E 135 15.56 16.98 5.14
N PHE E 136 16.24 16.97 6.29
CA PHE E 136 17.69 17.06 6.31
C PHE E 136 18.28 15.68 6.54
N VAL E 137 19.03 15.18 5.57
CA VAL E 137 19.51 13.81 5.58
C VAL E 137 21.03 13.79 5.43
N ASP E 138 21.67 12.88 6.13
CA ASP E 138 23.11 12.70 6.02
C ASP E 138 23.46 12.24 4.61
N ARG E 139 24.64 12.65 4.15
CA ARG E 139 25.12 12.35 2.81
C ARG E 139 25.44 10.88 2.54
N ALA E 140 25.90 10.17 3.55
CA ALA E 140 26.22 8.75 3.38
C ALA E 140 25.11 7.85 3.91
N ALA E 141 23.90 8.01 3.40
CA ALA E 141 22.77 7.17 3.78
C ALA E 141 22.68 5.96 2.87
N CYS E 142 22.08 4.89 3.38
CA CYS E 142 21.94 3.67 2.62
C CYS E 142 20.88 3.84 1.53
N PHE E 143 20.73 2.81 0.70
CA PHE E 143 19.83 2.91 -0.45
C PHE E 143 18.37 2.93 -0.02
N ALA E 144 18.03 2.20 1.04
CA ALA E 144 16.64 2.15 1.48
C ALA E 144 16.13 3.51 1.92
N ILE E 145 16.99 4.26 2.64
CA ILE E 145 16.63 5.61 3.03
C ILE E 145 16.45 6.50 1.81
N GLN E 146 17.30 6.33 0.80
CA GLN E 146 17.18 7.14 -0.41
C GLN E 146 15.87 6.85 -1.12
N LYS E 147 15.48 5.58 -1.19
CA LYS E 147 14.24 5.18 -1.83
C LYS E 147 13.05 5.75 -1.07
N GLY E 148 13.09 5.63 0.25
CA GLY E 148 12.02 6.18 1.08
C GLY E 148 11.87 7.68 0.90
N LEU E 149 12.99 8.40 0.82
CA LEU E 149 12.94 9.85 0.60
C LEU E 149 12.44 10.19 -0.79
N GLN E 150 12.79 9.39 -1.79
CA GLN E 150 12.26 9.63 -3.13
C GLN E 150 10.76 9.40 -3.18
N ALA E 151 10.26 8.39 -2.47
CA ALA E 151 8.82 8.11 -2.48
C ALA E 151 8.03 9.27 -1.87
N SER E 152 8.55 9.86 -0.78
CA SER E 152 7.91 11.00 -0.13
C SER E 152 8.34 12.26 -0.88
N ARG E 153 7.45 12.73 -1.75
CA ARG E 153 7.73 13.91 -2.57
C ARG E 153 7.94 15.13 -1.70
N SER E 154 9.07 15.20 -1.03
CA SER E 154 9.36 16.32 -0.14
C SER E 154 10.70 16.94 -0.50
N ASP E 155 10.94 18.14 0.02
CA ASP E 155 12.21 18.81 -0.17
C ASP E 155 13.30 18.07 0.59
N ILE E 156 14.41 17.80 -0.08
CA ILE E 156 15.51 17.03 0.49
C ILE E 156 16.78 17.87 0.42
N LYS E 157 17.42 18.08 1.56
CA LYS E 157 18.63 18.88 1.64
C LYS E 157 19.64 18.09 2.46
N LEU E 158 20.68 17.61 1.80
CA LEU E 158 21.70 16.78 2.44
C LEU E 158 22.92 17.55 2.86
N PHE E 159 23.44 17.20 4.03
CA PHE E 159 24.63 17.85 4.56
C PHE E 159 25.81 16.88 4.52
N LYS E 160 26.99 17.40 4.86
CA LYS E 160 28.20 16.60 4.85
C LYS E 160 28.10 15.45 5.86
N HIS E 161 29.08 14.55 5.83
CA HIS E 161 29.06 13.41 6.73
C HIS E 161 29.66 13.77 8.08
N ASN E 162 28.84 13.71 9.13
CA ASN E 162 29.28 13.82 10.52
C ASN E 162 29.96 15.16 10.79
N ASP E 163 29.22 16.23 10.55
CA ASP E 163 29.69 17.56 10.98
C ASP E 163 28.44 18.37 11.36
N MET E 164 28.32 18.67 12.63
CA MET E 164 27.17 19.42 13.13
C MET E 164 27.18 20.86 12.64
N ALA E 165 28.36 21.35 12.27
CA ALA E 165 28.47 22.72 11.78
C ALA E 165 27.71 22.91 10.47
N ASP E 166 27.83 21.95 9.55
CA ASP E 166 27.12 22.07 8.29
C ASP E 166 25.62 21.92 8.47
N LEU E 167 25.19 21.01 9.34
CA LEU E 167 23.76 20.89 9.62
C LEU E 167 23.20 22.17 10.24
N GLU E 168 23.94 22.77 11.18
CA GLU E 168 23.49 24.00 11.80
C GLU E 168 23.46 25.14 10.78
N ARG E 169 24.47 25.21 9.91
CA ARG E 169 24.47 26.23 8.86
C ARG E 169 23.30 26.04 7.91
N LEU E 170 22.91 24.80 7.68
CA LEU E 170 21.83 24.45 6.79
C LEU E 170 20.46 24.79 7.41
N LEU E 171 20.37 24.60 8.72
CA LEU E 171 19.15 24.89 9.46
C LEU E 171 18.94 26.39 9.67
N LYS E 172 20.02 27.14 9.87
CA LYS E 172 19.92 28.59 10.02
C LYS E 172 19.35 29.24 8.77
N GLU E 173 19.76 28.78 7.59
CA GLU E 173 19.21 29.30 6.34
C GLU E 173 17.72 29.03 6.23
N GLN E 174 17.25 27.87 6.66
CA GLN E 174 15.81 27.60 6.68
C GLN E 174 15.09 28.47 7.69
N GLU E 175 15.74 28.81 8.80
CA GLU E 175 15.12 29.71 9.76
C GLU E 175 14.89 31.11 9.18
N ILE E 176 15.73 31.57 8.26
CA ILE E 176 15.50 32.84 7.58
C ILE E 176 14.23 32.82 6.72
N GLU E 177 13.99 31.75 5.98
CA GLU E 177 12.82 31.69 5.10
C GLU E 177 11.51 31.68 5.85
N ASP E 178 11.52 31.43 7.16
CA ASP E 178 10.31 31.57 7.94
C ASP E 178 9.92 33.04 8.10
N GLN E 179 10.91 33.92 8.29
CA GLN E 179 10.63 35.33 8.48
C GLN E 179 10.07 35.97 7.21
N LYS E 180 10.38 35.39 6.06
CA LYS E 180 9.94 35.90 4.77
C LYS E 180 8.57 35.35 4.34
N ASN E 181 7.97 34.51 5.18
CA ASN E 181 6.65 33.97 4.89
C ASN E 181 6.08 33.31 6.13
N PRO E 182 5.76 34.06 7.18
CA PRO E 182 5.41 33.42 8.47
C PRO E 182 4.20 32.51 8.40
N ARG E 183 3.27 32.76 7.48
CA ARG E 183 2.05 31.96 7.42
C ARG E 183 2.26 30.62 6.74
N LYS E 184 3.36 30.47 6.01
CA LYS E 184 3.65 29.21 5.35
C LYS E 184 4.54 28.33 6.22
N ALA E 185 5.38 28.95 7.03
CA ALA E 185 6.29 28.22 7.91
C ALA E 185 5.58 27.62 9.11
N ARG E 186 4.25 27.67 9.15
CA ARG E 186 3.48 27.13 10.26
C ARG E 186 2.73 25.87 9.86
N VAL E 187 2.94 25.37 8.65
CA VAL E 187 2.28 24.16 8.18
C VAL E 187 3.28 23.22 7.53
N THR E 188 4.57 23.46 7.74
CA THR E 188 5.63 22.62 7.19
C THR E 188 6.37 21.94 8.33
N ARG E 189 6.51 20.63 8.26
CA ARG E 189 7.24 19.89 9.28
C ARG E 189 8.67 19.64 8.84
N ARG E 190 9.56 19.50 9.82
CA ARG E 190 10.97 19.25 9.56
C ARG E 190 11.42 17.97 10.21
N PHE E 191 12.22 17.20 9.48
CA PHE E 191 12.74 15.93 9.96
C PHE E 191 14.24 15.87 9.76
N ILE E 192 14.91 15.14 10.64
CA ILE E 192 16.34 14.91 10.52
C ILE E 192 16.59 13.41 10.44
N VAL E 193 16.79 12.89 9.22
CA VAL E 193 16.98 11.47 9.04
C VAL E 193 18.45 11.13 9.24
N VAL E 194 18.74 10.37 10.29
CA VAL E 194 20.10 10.00 10.65
C VAL E 194 20.14 8.50 10.86
N GLU E 195 21.24 7.88 10.43
CA GLU E 195 21.41 6.44 10.55
C GLU E 195 22.61 6.17 11.44
N GLY E 196 22.37 5.58 12.60
CA GLY E 196 23.47 5.27 13.50
C GLY E 196 24.30 4.12 12.96
N LEU E 197 25.62 4.27 13.06
CA LEU E 197 26.57 3.26 12.59
C LEU E 197 26.37 2.95 11.11
N TYR E 198 26.71 3.94 10.29
CA TYR E 198 26.53 3.84 8.85
C TYR E 198 27.24 2.62 8.28
N MET E 199 26.56 1.91 7.40
CA MET E 199 27.13 0.73 6.75
C MET E 199 27.99 1.08 5.55
N ASN E 200 27.86 2.28 5.02
CA ASN E 200 28.65 2.71 3.87
C ASN E 200 30.00 3.29 4.25
N THR E 201 30.21 3.65 5.52
CA THR E 201 31.48 4.19 5.97
C THR E 201 31.98 3.58 7.27
N GLY E 202 31.14 2.86 8.01
CA GLY E 202 31.55 2.27 9.27
C GLY E 202 31.86 3.27 10.36
N THR E 203 31.07 4.33 10.47
CA THR E 203 31.28 5.37 11.47
C THR E 203 29.99 5.60 12.24
N ILE E 204 30.13 6.02 13.50
CA ILE E 204 29.00 6.24 14.40
C ILE E 204 28.62 7.71 14.36
N CYS E 205 27.33 8.01 14.43
CA CYS E 205 26.86 9.37 14.38
C CYS E 205 26.75 9.95 15.80
N PRO E 206 27.04 11.26 15.97
CA PRO E 206 26.97 11.86 17.30
C PRO E 206 25.57 12.35 17.67
N LEU E 207 24.97 11.69 18.67
CA LEU E 207 23.63 12.04 19.12
C LEU E 207 23.56 13.13 20.18
N PRO E 208 24.52 13.13 21.13
CA PRO E 208 24.41 14.14 22.20
C PRO E 208 24.34 15.57 21.70
N GLU E 209 25.07 15.90 20.64
CA GLU E 209 25.01 17.24 20.06
C GLU E 209 24.03 17.34 18.90
N LEU E 210 23.28 16.27 18.62
CA LEU E 210 22.22 16.30 17.62
C LEU E 210 20.84 16.41 18.24
N VAL E 211 20.69 15.95 19.47
CA VAL E 211 19.47 16.15 20.23
C VAL E 211 19.26 17.62 20.60
N LYS E 212 20.34 18.36 20.87
CA LYS E 212 20.22 19.77 21.18
C LYS E 212 19.63 20.56 20.02
N LEU E 213 20.03 20.24 18.79
CA LEU E 213 19.51 20.94 17.63
C LEU E 213 18.01 20.71 17.43
N LYS E 214 17.50 19.57 17.87
CA LYS E 214 16.08 19.30 17.73
C LYS E 214 15.23 20.24 18.59
N TYR E 215 15.70 20.53 19.80
CA TYR E 215 14.97 21.37 20.73
C TYR E 215 15.26 22.85 20.52
N LYS E 216 16.15 23.20 19.58
CA LYS E 216 16.40 24.58 19.24
C LYS E 216 15.85 24.97 17.88
N TYR E 217 15.64 24.02 16.96
CA TYR E 217 15.11 24.34 15.65
C TYR E 217 13.82 23.59 15.33
N LYS E 218 13.24 22.95 16.32
CA LYS E 218 11.97 22.24 16.16
C LYS E 218 11.91 21.29 14.97
N ALA E 219 12.81 20.32 14.97
CA ALA E 219 12.89 19.31 13.93
C ALA E 219 13.05 17.92 14.53
N ARG E 220 12.21 16.99 14.09
CA ARG E 220 12.17 15.64 14.65
C ARG E 220 13.25 14.76 14.05
N ILE E 221 13.60 13.70 14.79
CA ILE E 221 14.71 12.81 14.43
C ILE E 221 14.14 11.46 13.98
N PHE E 222 14.76 10.85 12.97
CA PHE E 222 14.43 9.50 12.50
C PHE E 222 15.72 8.68 12.53
N LEU E 223 15.87 7.86 13.56
CA LEU E 223 17.05 6.99 13.66
C LEU E 223 16.82 5.70 12.87
N GLU E 224 17.92 5.14 12.37
CA GLU E 224 17.84 3.95 11.53
C GLU E 224 18.90 2.92 11.96
N GLU E 225 18.94 2.61 13.25
CA GLU E 225 20.01 1.79 13.82
C GLU E 225 19.85 0.31 13.43
N SER E 226 19.94 0.05 12.13
CA SER E 226 19.80 -1.29 11.60
C SER E 226 21.10 -2.09 11.63
N LEU E 227 22.22 -1.45 11.95
CA LEU E 227 23.51 -2.13 12.02
C LEU E 227 24.10 -2.10 13.43
N SER E 228 23.52 -1.32 14.33
CA SER E 228 23.95 -1.27 15.71
C SER E 228 22.97 -1.95 16.67
N PHE E 229 21.80 -2.36 16.21
CA PHE E 229 20.88 -3.09 17.05
C PHE E 229 21.44 -4.46 17.39
N GLY E 230 21.57 -4.75 18.67
CA GLY E 230 22.16 -5.99 19.12
C GLY E 230 23.67 -6.01 19.13
N VAL E 231 24.32 -4.87 18.92
CA VAL E 231 25.77 -4.81 18.90
C VAL E 231 26.26 -3.80 19.92
N LEU E 232 25.87 -2.54 19.76
CA LEU E 232 26.39 -1.47 20.61
C LEU E 232 25.63 -1.40 21.93
N GLY E 233 26.27 -0.77 22.91
CA GLY E 233 25.71 -0.65 24.23
C GLY E 233 26.03 -1.84 25.11
N GLU E 234 25.78 -1.67 26.40
CA GLU E 234 26.03 -2.70 27.40
C GLU E 234 25.04 -3.85 27.33
N HIS E 235 23.82 -3.57 26.87
CA HIS E 235 22.80 -4.59 26.75
C HIS E 235 22.38 -4.86 25.31
N GLY E 236 23.03 -4.24 24.34
CA GLY E 236 22.69 -4.49 22.95
C GLY E 236 21.48 -3.73 22.45
N ARG E 237 21.18 -2.61 23.09
CA ARG E 237 20.00 -1.82 22.72
C ARG E 237 20.24 -0.81 21.60
N GLY E 238 21.50 -0.61 21.22
CA GLY E 238 21.81 0.31 20.15
C GLY E 238 22.74 1.43 20.58
N VAL E 239 22.59 2.56 19.88
CA VAL E 239 23.44 3.73 20.15
C VAL E 239 22.89 4.61 21.25
N THR E 240 21.58 4.59 21.50
CA THR E 240 21.01 5.38 22.58
C THR E 240 21.56 4.92 23.94
N GLU E 241 21.66 3.61 24.14
CA GLU E 241 22.30 3.12 25.34
C GLU E 241 23.81 3.34 25.34
N HIS E 242 24.41 3.37 24.15
CA HIS E 242 25.85 3.64 24.06
C HIS E 242 26.18 5.03 24.58
N TYR E 243 25.40 6.04 24.19
CA TYR E 243 25.68 7.40 24.62
C TYR E 243 25.10 7.73 25.99
N GLY E 244 23.95 7.17 26.33
CA GLY E 244 23.28 7.50 27.57
C GLY E 244 22.11 8.42 27.35
N ILE E 245 21.58 8.42 26.13
CA ILE E 245 20.48 9.29 25.73
C ILE E 245 19.17 8.65 26.14
N ASN E 246 18.26 9.47 26.64
CA ASN E 246 16.92 8.99 26.95
C ASN E 246 16.21 8.58 25.67
N ILE E 247 15.50 7.45 25.72
CA ILE E 247 14.93 6.85 24.52
C ILE E 247 13.79 7.69 23.95
N ASP E 248 13.21 8.58 24.75
CA ASP E 248 12.02 9.32 24.33
C ASP E 248 12.34 10.51 23.44
N ASP E 249 13.60 10.85 23.24
CA ASP E 249 13.98 12.01 22.46
C ASP E 249 14.16 11.71 20.98
N ILE E 250 13.92 10.49 20.54
CA ILE E 250 14.30 10.04 19.20
C ILE E 250 13.12 10.03 18.23
N ASP E 251 11.92 9.89 18.76
CA ASP E 251 10.72 9.93 17.91
C ASP E 251 10.38 8.66 17.17
N LEU E 252 11.39 8.00 16.63
CA LEU E 252 11.19 6.76 15.87
C LEU E 252 12.51 6.04 15.59
N ILE E 253 12.52 4.73 15.82
CA ILE E 253 13.71 3.90 15.61
C ILE E 253 13.34 2.76 14.68
N SER E 254 14.18 2.51 13.68
CA SER E 254 13.96 1.46 12.71
C SER E 254 15.18 0.54 12.64
N ALA E 255 14.91 -0.76 12.52
CA ALA E 255 15.96 -1.76 12.39
C ALA E 255 15.37 -2.92 11.60
N ASN E 256 16.18 -3.95 11.41
CA ASN E 256 15.71 -5.19 10.80
C ASN E 256 16.25 -6.39 11.57
N MET E 257 15.54 -7.50 11.45
CA MET E 257 15.89 -8.74 12.14
C MET E 257 16.68 -9.68 11.24
N GLU E 258 17.51 -9.14 10.36
CA GLU E 258 18.23 -9.93 9.38
C GLU E 258 19.73 -9.99 9.65
N ASN E 259 20.22 -9.24 10.64
CA ASN E 259 21.65 -9.20 10.89
C ASN E 259 22.01 -9.82 12.24
N ALA E 260 21.48 -9.27 13.33
CA ALA E 260 21.85 -9.80 14.63
C ALA E 260 20.88 -10.88 15.08
N LEU E 261 19.61 -10.78 14.70
CA LEU E 261 18.64 -11.81 15.03
C LEU E 261 18.67 -12.99 14.08
N ALA E 262 19.32 -12.85 12.92
CA ALA E 262 19.47 -13.91 11.94
C ALA E 262 18.12 -14.50 11.55
N SER E 263 17.28 -13.64 10.99
CA SER E 263 15.93 -14.00 10.61
C SER E 263 15.56 -13.16 9.39
N ILE E 264 14.28 -13.03 9.11
CA ILE E 264 13.79 -12.22 8.00
C ILE E 264 12.76 -11.24 8.54
N GLY E 265 12.83 -10.00 8.12
CA GLY E 265 11.87 -9.00 8.50
C GLY E 265 12.52 -7.78 9.12
N GLY E 266 11.69 -6.76 9.37
CA GLY E 266 12.13 -5.55 10.02
C GLY E 266 11.07 -5.03 10.98
N PHE E 267 11.46 -4.08 11.81
CA PHE E 267 10.54 -3.54 12.80
C PHE E 267 10.78 -2.05 13.02
N CYS E 268 9.80 -1.40 13.63
CA CYS E 268 9.87 -0.01 14.04
C CYS E 268 9.35 0.10 15.46
N CYS E 269 9.93 0.97 16.26
CA CYS E 269 9.49 1.20 17.62
C CYS E 269 9.41 2.69 17.89
N GLY E 270 8.71 3.04 18.96
CA GLY E 270 8.46 4.43 19.27
C GLY E 270 7.26 4.56 20.18
N ARG E 271 6.83 5.81 20.39
CA ARG E 271 5.65 6.05 21.21
C ARG E 271 4.41 5.58 20.47
N SER E 272 3.34 5.32 21.23
CA SER E 272 2.11 4.82 20.63
C SER E 272 1.37 5.88 19.84
N PHE E 273 1.75 7.15 19.98
CA PHE E 273 1.16 8.24 19.22
C PHE E 273 1.70 8.32 17.80
N VAL E 274 2.85 7.73 17.52
CA VAL E 274 3.51 7.88 16.23
C VAL E 274 3.52 6.55 15.49
N ILE E 275 3.48 5.43 16.22
CA ILE E 275 3.49 4.11 15.58
C ILE E 275 2.13 3.67 15.10
N ASP E 276 1.05 4.02 15.80
CA ASP E 276 -0.28 3.59 15.41
C ASP E 276 -0.77 4.22 14.12
N HIS E 277 -0.10 5.25 13.62
CA HIS E 277 -0.53 5.87 12.36
C HIS E 277 -0.19 5.03 11.15
N GLN E 278 0.94 4.33 11.15
CA GLN E 278 1.39 3.60 9.96
C GLN E 278 0.88 2.17 9.93
N ARG E 279 -0.09 1.83 10.77
CA ARG E 279 -0.82 0.59 10.60
C ARG E 279 -1.84 0.67 9.49
N LEU E 280 -2.27 1.88 9.14
CA LEU E 280 -3.16 2.11 8.00
C LEU E 280 -2.48 2.85 6.86
N SER E 281 -1.25 3.32 7.04
CA SER E 281 -0.59 4.16 6.05
C SER E 281 0.64 3.53 5.41
N GLY E 282 1.34 2.66 6.12
CA GLY E 282 2.51 2.01 5.57
C GLY E 282 2.17 1.15 4.37
N GLN E 283 2.73 1.47 3.20
CA GLN E 283 2.38 0.78 1.97
C GLN E 283 2.69 -0.71 2.06
N GLY E 284 3.87 -1.05 2.55
CA GLY E 284 4.31 -2.43 2.60
C GLY E 284 3.74 -3.25 3.72
N TYR E 285 3.00 -2.62 4.64
CA TYR E 285 2.37 -3.33 5.74
C TYR E 285 0.91 -3.66 5.47
N CYS E 286 0.20 -2.85 4.69
CA CYS E 286 -1.19 -3.07 4.37
C CYS E 286 -1.37 -3.97 3.15
N PHE E 287 -0.67 -3.67 2.07
CA PHE E 287 -0.85 -4.38 0.81
C PHE E 287 0.21 -5.46 0.63
N SER E 288 0.31 -6.35 1.61
CA SER E 288 1.35 -7.37 1.57
C SER E 288 1.07 -8.42 2.62
N ALA E 289 1.49 -9.66 2.31
CA ALA E 289 1.33 -10.77 3.23
C ALA E 289 2.21 -10.57 4.47
N SER E 290 1.82 -11.22 5.55
CA SER E 290 2.49 -11.08 6.83
C SER E 290 3.61 -12.10 6.97
N LEU E 291 4.45 -11.88 7.98
CA LEU E 291 5.65 -12.68 8.16
C LEU E 291 5.27 -14.12 8.52
N PRO E 292 5.91 -15.12 7.91
CA PRO E 292 5.60 -16.52 8.26
C PRO E 292 5.88 -16.80 9.72
N PRO E 293 5.03 -17.60 10.37
CA PRO E 293 5.17 -17.82 11.82
C PRO E 293 6.48 -18.45 12.26
N LEU E 294 7.07 -19.35 11.47
CA LEU E 294 8.28 -20.01 11.93
C LEU E 294 9.46 -19.06 12.00
N LEU E 295 9.46 -18.01 11.18
CA LEU E 295 10.45 -16.95 11.26
C LEU E 295 10.30 -16.10 12.52
N ALA E 296 9.07 -15.77 12.90
CA ALA E 296 8.84 -15.00 14.12
C ALA E 296 9.19 -15.80 15.37
N ALA E 297 8.90 -17.10 15.36
CA ALA E 297 9.32 -17.94 16.48
C ALA E 297 10.84 -18.04 16.59
N ALA E 298 11.56 -17.79 15.51
CA ALA E 298 13.02 -17.73 15.55
C ALA E 298 13.54 -16.41 16.08
N ALA E 299 12.83 -15.31 15.84
CA ALA E 299 13.22 -14.03 16.41
C ALA E 299 12.94 -13.96 17.90
N ILE E 300 11.83 -14.54 18.35
CA ILE E 300 11.53 -14.51 19.78
C ILE E 300 12.60 -15.25 20.57
N GLU E 301 13.04 -16.42 20.09
CA GLU E 301 14.06 -17.17 20.80
C GLU E 301 15.41 -16.47 20.78
N ALA E 302 15.76 -15.81 19.68
CA ALA E 302 16.98 -15.03 19.66
C ALA E 302 16.92 -13.89 20.68
N LEU E 303 15.75 -13.26 20.80
CA LEU E 303 15.58 -12.22 21.82
C LEU E 303 15.76 -12.81 23.22
N ASN E 304 15.24 -14.01 23.45
CA ASN E 304 15.43 -14.67 24.73
C ASN E 304 16.90 -14.90 25.02
N ILE E 305 17.66 -15.38 24.03
CA ILE E 305 19.07 -15.66 24.23
C ILE E 305 19.84 -14.37 24.50
N MET E 306 19.53 -13.30 23.76
CA MET E 306 20.21 -12.02 24.00
C MET E 306 19.90 -11.48 25.38
N GLU E 307 18.65 -11.61 25.84
CA GLU E 307 18.28 -11.08 27.15
C GLU E 307 18.91 -11.88 28.28
N GLU E 308 18.96 -13.20 28.15
CA GLU E 308 19.50 -14.07 29.19
C GLU E 308 21.00 -13.89 29.44
N ASN E 309 21.76 -13.70 28.37
CA ASN E 309 23.21 -13.57 28.46
C ASN E 309 23.63 -12.23 27.88
N PRO E 310 23.75 -11.18 28.68
CA PRO E 310 24.16 -9.86 28.16
C PRO E 310 25.67 -9.63 28.14
N GLY E 311 26.48 -10.65 28.42
CA GLY E 311 27.91 -10.53 28.33
C GLY E 311 28.50 -10.88 26.99
N ILE E 312 27.66 -11.21 26.00
CA ILE E 312 28.16 -11.54 24.66
C ILE E 312 28.57 -10.31 23.88
N PHE E 313 28.00 -9.14 24.19
CA PHE E 313 28.37 -7.92 23.49
C PHE E 313 29.79 -7.49 23.84
N ALA E 314 30.21 -7.68 25.08
CA ALA E 314 31.58 -7.37 25.46
C ALA E 314 32.59 -8.23 24.70
N VAL E 315 32.34 -9.54 24.59
CA VAL E 315 33.25 -10.41 23.85
C VAL E 315 33.15 -10.17 22.35
N LEU E 316 32.02 -9.67 21.86
CA LEU E 316 31.97 -9.22 20.47
C LEU E 316 32.87 -8.02 20.23
N LYS E 317 32.71 -6.98 21.04
CA LYS E 317 33.49 -5.75 20.88
C LYS E 317 34.97 -5.89 21.16
N GLU E 318 35.34 -6.79 22.05
CA GLU E 318 36.76 -6.99 22.38
C GLU E 318 37.53 -7.55 21.21
N LYS E 319 36.96 -8.52 20.50
CA LYS E 319 37.60 -9.07 19.31
C LYS E 319 37.23 -8.33 18.05
N CYS E 320 36.25 -7.43 18.11
CA CYS E 320 36.03 -6.49 17.02
C CYS E 320 37.12 -5.42 16.97
N GLY E 321 37.59 -4.99 18.14
CA GLY E 321 38.70 -4.07 18.24
C GLY E 321 40.06 -4.74 18.22
N GLN E 322 40.12 -6.04 17.95
CA GLN E 322 41.38 -6.77 17.89
C GLN E 322 41.90 -6.93 16.48
N ILE E 323 41.02 -7.09 15.50
CA ILE E 323 41.44 -7.15 14.10
C ILE E 323 41.61 -5.78 13.49
N HIS E 324 40.95 -4.76 14.02
CA HIS E 324 41.11 -3.39 13.55
C HIS E 324 42.45 -2.80 13.92
N LYS E 325 43.21 -3.47 14.80
CA LYS E 325 44.56 -3.06 15.14
C LYS E 325 45.63 -3.78 14.33
N ALA E 326 45.37 -5.01 13.88
CA ALA E 326 46.32 -5.77 13.09
C ALA E 326 46.28 -5.43 11.61
N LEU E 327 45.36 -4.59 11.17
CA LEU E 327 45.24 -4.22 9.77
C LEU E 327 45.80 -2.83 9.49
N GLN E 328 46.72 -2.36 10.32
CA GLN E 328 47.36 -1.07 10.13
C GLN E 328 48.80 -1.32 9.67
N GLY E 329 49.07 -0.98 8.41
CA GLY E 329 50.39 -1.21 7.86
C GLY E 329 50.37 -1.75 6.45
N ILE E 330 49.17 -2.03 5.93
CA ILE E 330 49.00 -2.57 4.59
C ILE E 330 49.50 -1.53 3.59
N SER E 331 50.47 -1.90 2.76
CA SER E 331 50.96 -0.96 1.76
C SER E 331 50.00 -0.89 0.58
N GLY E 332 49.07 0.06 0.61
CA GLY E 332 48.10 0.21 -0.45
C GLY E 332 46.68 0.31 0.04
N LEU E 333 46.35 -0.42 1.10
CA LEU E 333 45.01 -0.43 1.68
C LEU E 333 44.98 0.36 2.97
N LYS E 334 43.92 1.14 3.15
CA LYS E 334 43.71 1.91 4.37
C LYS E 334 42.39 1.46 5.00
N VAL E 335 42.38 1.33 6.32
CA VAL E 335 41.18 0.90 7.04
C VAL E 335 40.27 2.09 7.27
N VAL E 336 39.05 2.01 6.72
CA VAL E 336 38.06 3.06 6.92
C VAL E 336 36.94 2.52 7.80
N GLY E 337 36.84 3.04 9.01
CA GLY E 337 35.80 2.58 9.93
C GLY E 337 36.24 2.78 11.36
N GLU E 338 35.25 2.80 12.24
CA GLU E 338 35.47 3.04 13.65
C GLU E 338 36.13 1.83 14.30
N SER E 339 36.71 2.06 15.48
CA SER E 339 37.38 1.02 16.24
C SER E 339 36.39 0.09 16.94
N LEU E 340 35.10 0.37 16.85
CA LEU E 340 34.06 -0.40 17.51
C LEU E 340 33.08 -1.04 16.54
N SER E 341 32.96 -0.54 15.32
CA SER E 341 32.02 -1.09 14.37
C SER E 341 32.43 -2.50 13.97
N PRO E 342 31.50 -3.45 13.91
CA PRO E 342 31.85 -4.82 13.51
C PRO E 342 31.88 -5.06 12.01
N ALA E 343 31.63 -4.05 11.19
CA ALA E 343 31.69 -4.19 9.74
C ALA E 343 32.30 -2.90 9.19
N PHE E 344 33.61 -2.90 9.03
CA PHE E 344 34.32 -1.74 8.50
C PHE E 344 34.74 -2.03 7.07
N HIS E 345 35.47 -1.12 6.44
CA HIS E 345 35.79 -1.21 5.03
C HIS E 345 37.30 -1.29 4.86
N LEU E 346 37.74 -1.42 3.61
CA LEU E 346 39.15 -1.54 3.29
C LEU E 346 39.35 -0.89 1.92
N GLN E 347 39.57 0.42 1.92
CA GLN E 347 39.71 1.17 0.67
C GLN E 347 41.05 1.00 -0.01
N LEU E 348 41.20 1.71 -1.12
CA LEU E 348 42.42 1.64 -1.91
C LEU E 348 43.17 2.96 -1.85
N GLU E 349 44.39 2.92 -1.31
CA GLU E 349 45.20 4.11 -1.23
C GLU E 349 45.73 4.38 -2.63
N GLU E 350 45.92 5.65 -2.96
CA GLU E 350 46.40 6.07 -4.28
C GLU E 350 45.68 5.38 -5.44
N SER E 351 44.40 5.73 -5.61
CA SER E 351 43.57 5.17 -6.66
C SER E 351 44.21 5.28 -8.04
N THR E 352 44.11 4.20 -8.81
CA THR E 352 44.68 4.14 -10.15
C THR E 352 44.22 5.28 -11.05
N GLY E 353 42.94 5.27 -11.43
CA GLY E 353 42.39 6.28 -12.29
C GLY E 353 40.91 6.11 -12.51
N SER E 354 40.55 5.18 -13.39
CA SER E 354 39.15 4.90 -13.70
C SER E 354 38.51 4.06 -12.61
N ARG E 355 37.19 3.98 -12.59
CA ARG E 355 36.49 3.21 -11.58
C ARG E 355 36.54 1.69 -11.75
N GLU E 356 36.71 1.25 -12.99
CA GLU E 356 36.76 -0.18 -13.32
C GLU E 356 38.08 -0.85 -12.95
N GLN E 357 39.18 -0.12 -13.05
CA GLN E 357 40.49 -0.66 -12.71
C GLN E 357 40.61 -0.99 -11.22
N ASP E 358 40.10 -0.12 -10.36
CA ASP E 358 40.15 -0.40 -8.93
C ASP E 358 39.31 -1.62 -8.57
N VAL E 359 38.14 -1.75 -9.19
CA VAL E 359 37.28 -2.90 -8.92
C VAL E 359 38.00 -4.18 -9.31
N ARG E 360 38.61 -4.20 -10.49
CA ARG E 360 39.35 -5.38 -10.92
C ARG E 360 40.53 -5.67 -10.00
N LEU E 361 41.23 -4.62 -9.60
CA LEU E 361 42.38 -4.75 -8.71
C LEU E 361 41.96 -5.41 -7.40
N LEU E 362 40.87 -4.94 -6.82
CA LEU E 362 40.39 -5.48 -5.56
C LEU E 362 39.87 -6.91 -5.73
N GLN E 363 39.27 -7.19 -6.87
CA GLN E 363 38.76 -8.52 -7.14
C GLN E 363 39.91 -9.51 -7.29
N GLU E 364 41.14 -8.99 -7.29
CA GLU E 364 42.32 -9.84 -7.43
C GLU E 364 42.77 -10.32 -6.07
N ILE E 365 42.52 -9.50 -5.05
CA ILE E 365 42.89 -9.86 -3.69
C ILE E 365 41.85 -10.79 -3.11
N VAL E 366 40.60 -10.61 -3.51
CA VAL E 366 39.51 -11.44 -3.04
C VAL E 366 39.64 -12.86 -3.58
N ASP E 367 39.91 -12.96 -4.87
CA ASP E 367 40.06 -14.26 -5.53
C ASP E 367 41.27 -15.02 -5.01
N GLN E 368 42.34 -14.29 -4.70
CA GLN E 368 43.56 -14.91 -4.20
C GLN E 368 43.47 -15.29 -2.72
N CYS E 369 42.59 -14.62 -1.99
CA CYS E 369 42.42 -14.91 -0.57
C CYS E 369 41.56 -16.16 -0.38
N MET E 370 40.75 -16.47 -1.38
CA MET E 370 39.87 -17.64 -1.33
C MET E 370 40.61 -18.94 -1.62
N ASN E 371 41.82 -18.83 -2.18
CA ASN E 371 42.64 -20.00 -2.48
C ASN E 371 43.20 -20.55 -1.19
N ARG E 372 43.43 -19.67 -0.21
CA ARG E 372 43.93 -20.08 1.09
C ARG E 372 42.75 -20.54 1.93
N SER E 373 42.28 -19.70 2.86
CA SER E 373 41.15 -20.05 3.71
C SER E 373 40.46 -18.86 4.33
N ILE E 374 40.21 -17.82 3.54
CA ILE E 374 39.54 -16.63 4.05
C ILE E 374 38.56 -16.07 3.03
N ALA E 375 37.28 -16.32 3.25
CA ALA E 375 36.25 -15.86 2.34
C ALA E 375 35.93 -14.40 2.62
N LEU E 376 36.06 -13.57 1.59
CA LEU E 376 35.75 -12.15 1.65
C LEU E 376 34.80 -11.79 0.53
N THR E 377 34.27 -10.58 0.58
CA THR E 377 33.46 -10.04 -0.50
C THR E 377 33.70 -8.55 -0.56
N GLN E 378 33.32 -7.94 -1.68
CA GLN E 378 33.47 -6.51 -1.82
C GLN E 378 32.11 -5.85 -2.00
N ALA E 379 32.03 -4.59 -1.55
CA ALA E 379 30.76 -3.88 -1.53
C ALA E 379 30.23 -3.70 -2.95
N ARG E 380 28.92 -3.80 -3.09
CA ARG E 380 28.25 -3.71 -4.38
C ARG E 380 27.26 -2.56 -4.34
N TYR E 381 27.23 -1.76 -5.40
CA TYR E 381 26.34 -0.62 -5.50
C TYR E 381 25.73 -0.59 -6.89
N LEU E 382 24.72 0.26 -7.05
CA LEU E 382 24.13 0.57 -8.36
C LEU E 382 24.70 1.93 -8.77
N GLU E 383 25.76 1.91 -9.57
CA GLU E 383 26.51 3.12 -9.87
C GLU E 383 25.66 4.17 -10.57
N LYS E 384 24.82 3.74 -11.51
CA LYS E 384 24.01 4.69 -12.25
C LYS E 384 22.99 5.37 -11.35
N GLU E 385 22.36 4.61 -10.46
CA GLU E 385 21.25 5.10 -9.64
C GLU E 385 21.70 5.14 -8.18
N GLU E 386 22.32 6.25 -7.78
CA GLU E 386 22.68 6.49 -6.39
C GLU E 386 23.16 7.92 -6.25
N LYS E 387 22.79 8.56 -5.13
CA LYS E 387 23.11 9.97 -4.93
C LYS E 387 24.62 10.20 -4.84
N CYS E 388 25.25 9.67 -3.79
CA CYS E 388 26.68 9.84 -3.57
C CYS E 388 27.30 8.45 -3.51
N LEU E 389 27.98 8.08 -4.59
CA LEU E 389 28.52 6.75 -4.79
C LEU E 389 29.82 6.58 -4.04
N PRO E 390 29.91 5.63 -3.12
CA PRO E 390 31.15 5.43 -2.37
C PRO E 390 32.22 4.79 -3.22
N PRO E 391 33.48 4.86 -2.81
CA PRO E 391 34.56 4.26 -3.59
C PRO E 391 34.55 2.75 -3.48
N PRO E 392 35.28 2.05 -4.34
CA PRO E 392 35.38 0.59 -4.20
C PRO E 392 36.05 0.22 -2.89
N SER E 393 35.62 -0.90 -2.33
CA SER E 393 36.11 -1.33 -1.03
C SER E 393 35.86 -2.83 -0.87
N ILE E 394 36.45 -3.39 0.18
CA ILE E 394 36.29 -4.80 0.53
C ILE E 394 35.72 -4.84 1.93
N ARG E 395 34.58 -5.49 2.11
CA ARG E 395 33.96 -5.59 3.41
C ARG E 395 34.73 -6.55 4.31
N VAL E 396 34.84 -6.20 5.58
CA VAL E 396 35.38 -7.10 6.59
C VAL E 396 34.42 -7.15 7.76
N VAL E 397 33.85 -8.33 8.03
CA VAL E 397 32.83 -8.47 9.06
C VAL E 397 33.33 -9.41 10.14
N VAL E 398 33.04 -9.08 11.40
CA VAL E 398 33.53 -9.82 12.55
C VAL E 398 32.35 -10.32 13.36
N THR E 399 32.37 -11.60 13.74
CA THR E 399 31.34 -12.23 14.53
C THR E 399 31.94 -12.71 15.85
N VAL E 400 31.15 -13.44 16.64
CA VAL E 400 31.62 -13.99 17.91
C VAL E 400 32.09 -15.43 17.77
N GLU E 401 31.92 -16.04 16.61
CA GLU E 401 32.33 -17.43 16.41
C GLU E 401 33.82 -17.56 16.15
N GLN E 402 34.43 -16.56 15.52
CA GLN E 402 35.84 -16.64 15.16
C GLN E 402 36.74 -16.54 16.38
N THR E 403 37.75 -17.40 16.43
CA THR E 403 38.72 -17.39 17.50
C THR E 403 39.76 -16.30 17.25
N GLU E 404 40.65 -16.10 18.23
CA GLU E 404 41.67 -15.06 18.08
C GLU E 404 42.78 -15.51 17.13
N GLU E 405 43.16 -16.78 17.19
CA GLU E 405 44.17 -17.31 16.27
C GLU E 405 43.69 -17.21 14.83
N GLU E 406 42.41 -17.48 14.60
CA GLU E 406 41.80 -17.36 13.29
C GLU E 406 41.82 -15.92 12.78
N LEU E 407 41.55 -14.96 13.67
CA LEU E 407 41.65 -13.54 13.31
C LEU E 407 43.08 -13.17 12.94
N GLU E 408 44.06 -13.66 13.70
CA GLU E 408 45.46 -13.38 13.38
C GLU E 408 45.83 -13.96 12.02
N ARG E 409 45.39 -15.19 11.75
CA ARG E 409 45.69 -15.80 10.46
C ARG E 409 45.07 -15.00 9.31
N ALA E 410 43.83 -14.55 9.49
CA ALA E 410 43.21 -13.72 8.47
C ALA E 410 43.99 -12.42 8.25
N ALA E 411 44.40 -11.76 9.34
CA ALA E 411 45.13 -10.51 9.24
C ALA E 411 46.50 -10.67 8.58
N SER E 412 47.18 -11.77 8.85
CA SER E 412 48.50 -12.00 8.26
C SER E 412 48.40 -12.55 6.84
N THR E 413 47.28 -13.18 6.53
CA THR E 413 47.09 -13.76 5.20
C THR E 413 46.56 -12.72 4.22
N ILE E 414 45.97 -11.65 4.74
CA ILE E 414 45.43 -10.60 3.89
C ILE E 414 46.46 -9.49 3.66
N LYS E 415 47.62 -9.65 4.27
CA LYS E 415 48.70 -8.68 4.13
C LYS E 415 49.73 -9.19 3.13
N GLU E 416 49.87 -10.50 3.05
CA GLU E 416 50.83 -11.11 2.13
C GLU E 416 50.38 -11.04 0.68
N VAL E 417 49.08 -10.94 0.46
CA VAL E 417 48.56 -10.87 -0.90
C VAL E 417 48.23 -9.43 -1.28
N ALA E 418 48.37 -8.52 -0.32
CA ALA E 418 48.11 -7.11 -0.55
C ALA E 418 49.40 -6.42 -0.92
N GLN E 419 50.52 -6.99 -0.47
CA GLN E 419 51.84 -6.46 -0.77
C GLN E 419 52.49 -7.34 -1.83
N ALA E 420 51.70 -7.75 -2.81
CA ALA E 420 52.15 -8.59 -3.90
C ALA E 420 51.16 -8.51 -5.05
N VAL E 421 50.37 -7.44 -5.06
CA VAL E 421 49.39 -7.21 -6.11
C VAL E 421 49.34 -5.72 -6.41
N LEU E 422 49.49 -4.92 -5.37
CA LEU E 422 49.47 -3.47 -5.52
C LEU E 422 50.89 -2.92 -5.52
N LEU E 423 51.88 -3.81 -5.51
CA LEU E 423 53.27 -3.40 -5.51
C LEU E 423 53.76 -3.13 -6.93
#